data_1IEV
#
_entry.id   1IEV
#
_cell.length_a   101.01
_cell.length_b   101.01
_cell.length_c   181.55
_cell.angle_alpha   90.0
_cell.angle_beta   90.0
_cell.angle_gamma   90.0
#
_symmetry.space_group_name_H-M   'P 43 21 2'
#
loop_
_entity.id
_entity.type
_entity.pdbx_description
1 polymer 'BETA-D-GLUCAN GLUCOHYDROLASE ISOENZYME EXO1'
2 branched 2-acetamido-2-deoxy-beta-D-glucopyranose-(1-4)-alpha-D-mannopyranose-(1-6)-beta-D-mannopyranose-(1-4)-2-acetamido-2-deoxy-beta-D-glucopyranose-(1-4)-[alpha-L-fucopyranose-(1-3)]2-acetamido-2-deoxy-beta-D-glucopyranose
3 non-polymer 2-acetamido-2-deoxy-beta-D-glucopyranose
4 non-polymer 1,2,3,4,5,6-HEXAHYDROXY-CYCLOHEXANE
5 water water
#
_entity_poly.entity_id   1
_entity_poly.type   'polypeptide(L)'
_entity_poly.pdbx_seq_one_letter_code
;DYVLYKDATKPVEDRVADLLGRMTLAEKIGQMTQIERLVATPDVLRDNFIGSLLSGGGSVPRKGATAKEWQDMVDGFQKA
CMSTRLGIPMIYGIDAVHGQNNVYGATIFPHNVGLGATRDPYLVKRIGEATALEVRATGIQYAFAPCIAVCRDPRWGRCY
ESYSEDRRIVQSMTELIPGLQGDVPKDFTSGMPFVAGKNKVAACAKHFVGDGGTVDGINENNTIINREGLMNIHMPAYKN
AMDKGVSTVMISYSSWNGVKMHANQDLVTGYLKDTLKFKGFVISDWEGIDRITTPAGSDYSYSVKASILAGLDMIMVPNK
YQQFISILTGHVNGGVIPMSRIDDAVTRILRVKFTMGLFENPYADPAMAEQLGKQEHRDLAREAARKSLVLLKNGKTSTD
APLLPLPKKAPKILVAGSHADNLGYQCGGWTIEWQGDTGRTTVGTTILEAVKAAVDPSTVVVFAENPDAEFVKSGGFSYA
IVAVGEHPYTETKGDNLNLTIPEPGLSTVQAVCGGVRCATVLISGRPVVVQPLLAASDALVAAWLPGSEGQGVTDALFGD
FGFTGRLPRTWFKSVDQLPMNVGDAHYDPLFRLGYGLTTNATKKY
;
_entity_poly.pdbx_strand_id   A
#
loop_
_chem_comp.id
_chem_comp.type
_chem_comp.name
_chem_comp.formula
BMA D-saccharide, beta linking beta-D-mannopyranose 'C6 H12 O6'
FUC L-saccharide, alpha linking alpha-L-fucopyranose 'C6 H12 O5'
INS non-polymer 1,2,3,4,5,6-HEXAHYDROXY-CYCLOHEXANE 'C6 H12 O6'
MAN D-saccharide, alpha linking alpha-D-mannopyranose 'C6 H12 O6'
NAG D-saccharide, beta linking 2-acetamido-2-deoxy-beta-D-glucopyranose 'C8 H15 N O6'
#
# COMPACT_ATOMS: atom_id res chain seq x y z
N ASP A 1 -38.67 8.01 24.25
CA ASP A 1 -38.97 8.71 22.97
C ASP A 1 -38.01 8.46 21.82
N TYR A 2 -38.33 9.11 20.70
CA TYR A 2 -37.60 8.99 19.44
C TYR A 2 -36.17 9.39 19.47
N VAL A 3 -35.34 8.49 18.94
CA VAL A 3 -33.89 8.69 18.90
C VAL A 3 -33.45 8.99 17.45
N LEU A 4 -33.33 10.27 17.13
CA LEU A 4 -32.92 10.69 15.79
C LEU A 4 -31.67 10.02 15.24
N TYR A 5 -30.66 9.71 16.07
CA TYR A 5 -29.44 9.12 15.51
C TYR A 5 -29.61 7.68 15.02
N LYS A 6 -30.63 7.03 15.51
CA LYS A 6 -30.88 5.66 15.11
C LYS A 6 -31.73 5.59 13.87
N ASP A 7 -32.26 6.74 13.44
CA ASP A 7 -33.12 6.82 12.26
C ASP A 7 -32.28 6.89 10.99
N ALA A 8 -32.28 5.80 10.21
CA ALA A 8 -31.51 5.79 8.98
C ALA A 8 -31.98 6.76 7.90
N THR A 9 -33.18 7.31 8.02
CA THR A 9 -33.68 8.26 7.03
C THR A 9 -33.24 9.72 7.20
N LYS A 10 -32.59 10.02 8.33
CA LYS A 10 -32.14 11.39 8.64
C LYS A 10 -30.83 11.78 7.99
N PRO A 11 -30.62 13.07 7.76
CA PRO A 11 -29.30 13.58 7.38
C PRO A 11 -28.20 13.20 8.34
N VAL A 12 -27.05 12.84 7.78
CA VAL A 12 -25.88 12.47 8.56
C VAL A 12 -25.43 13.59 9.53
N GLU A 13 -25.73 14.85 9.24
CA GLU A 13 -25.24 15.83 10.18
C GLU A 13 -26.15 15.87 11.36
N ASP A 14 -27.42 15.55 11.14
CA ASP A 14 -28.42 15.55 12.21
C ASP A 14 -28.22 14.43 13.19
N ARG A 15 -27.86 13.27 12.64
CA ARG A 15 -27.64 12.04 13.39
C ARG A 15 -26.38 12.17 14.23
N VAL A 16 -25.37 12.82 13.65
CA VAL A 16 -24.07 13.03 14.29
C VAL A 16 -24.30 13.96 15.43
N ALA A 17 -25.04 15.02 15.16
CA ALA A 17 -25.29 15.99 16.19
C ALA A 17 -26.10 15.39 17.33
N ASP A 18 -27.06 14.55 16.96
CA ASP A 18 -27.93 13.92 17.94
C ASP A 18 -27.16 12.98 18.88
N LEU A 19 -26.37 12.11 18.29
CA LEU A 19 -25.60 11.15 19.02
C LEU A 19 -24.59 11.85 19.89
N LEU A 20 -23.81 12.70 19.27
CA LEU A 20 -22.78 13.44 19.97
C LEU A 20 -23.38 14.04 21.25
N GLY A 21 -24.58 14.61 21.12
CA GLY A 21 -25.21 15.22 22.26
C GLY A 21 -25.52 14.31 23.43
N ARG A 22 -25.55 13.00 23.20
CA ARG A 22 -25.86 12.06 24.25
C ARG A 22 -24.63 11.39 24.79
N MET A 23 -23.45 11.67 24.25
CA MET A 23 -22.27 10.93 24.71
C MET A 23 -21.58 11.42 25.97
N THR A 24 -21.35 10.53 26.90
CA THR A 24 -20.58 10.91 28.07
C THR A 24 -19.08 11.12 27.59
N LEU A 25 -18.16 11.52 28.48
CA LEU A 25 -16.76 11.74 28.09
C LEU A 25 -16.02 10.47 27.78
N ALA A 26 -16.40 9.40 28.47
CA ALA A 26 -15.75 8.12 28.28
C ALA A 26 -16.10 7.60 26.94
N GLU A 27 -17.33 7.87 26.53
CA GLU A 27 -17.80 7.44 25.25
C GLU A 27 -17.11 8.22 24.15
N LYS A 28 -16.87 9.51 24.38
CA LYS A 28 -16.19 10.33 23.39
C LYS A 28 -14.72 9.90 23.17
N ILE A 29 -13.96 9.80 24.25
CA ILE A 29 -12.60 9.35 24.13
C ILE A 29 -12.56 7.89 23.59
N GLY A 30 -13.57 7.07 23.90
CA GLY A 30 -13.57 5.70 23.41
C GLY A 30 -13.64 5.60 21.89
N GLN A 31 -14.36 6.52 21.27
CA GLN A 31 -14.50 6.60 19.84
C GLN A 31 -13.17 6.95 19.23
N MET A 32 -12.46 7.88 19.86
CA MET A 32 -11.15 8.34 19.40
C MET A 32 -10.00 7.36 19.71
N THR A 33 -10.35 6.13 20.07
CA THR A 33 -9.35 5.13 20.42
C THR A 33 -9.43 3.96 19.49
N GLN A 34 -8.31 3.67 18.81
CA GLN A 34 -8.20 2.50 17.91
C GLN A 34 -7.17 1.55 18.48
N ILE A 35 -7.57 0.29 18.70
CA ILE A 35 -6.70 -0.70 19.33
C ILE A 35 -6.52 -1.93 18.46
N GLU A 36 -5.42 -2.65 18.66
CA GLU A 36 -5.10 -3.85 17.88
C GLU A 36 -5.96 -5.06 18.29
N ARG A 37 -6.47 -5.80 17.32
CA ARG A 37 -7.27 -6.99 17.62
C ARG A 37 -6.56 -7.82 18.75
N LEU A 38 -5.24 -7.96 18.68
CA LEU A 38 -4.49 -8.70 19.68
C LEU A 38 -4.67 -8.32 21.15
N VAL A 39 -5.09 -7.10 21.47
CA VAL A 39 -5.34 -6.70 22.87
C VAL A 39 -6.85 -6.51 23.16
N ALA A 40 -7.70 -6.81 22.16
CA ALA A 40 -9.16 -6.65 22.22
C ALA A 40 -9.95 -7.77 22.89
N THR A 41 -11.01 -7.39 23.56
CA THR A 41 -11.80 -8.37 24.26
C THR A 41 -13.22 -7.84 24.21
N PRO A 42 -14.28 -8.70 24.29
CA PRO A 42 -15.65 -8.18 24.24
C PRO A 42 -15.84 -7.20 25.38
N ASP A 43 -15.25 -7.47 26.54
CA ASP A 43 -15.34 -6.53 27.66
C ASP A 43 -14.57 -5.26 27.45
N VAL A 44 -13.30 -5.41 27.06
CA VAL A 44 -12.43 -4.26 26.81
C VAL A 44 -13.14 -3.33 25.85
N LEU A 45 -13.72 -3.94 24.82
CA LEU A 45 -14.38 -3.15 23.78
C LEU A 45 -15.64 -2.55 24.32
N ARG A 46 -16.31 -3.33 25.14
CA ARG A 46 -17.55 -2.86 25.67
C ARG A 46 -17.31 -1.83 26.74
N ASP A 47 -16.49 -2.17 27.73
CA ASP A 47 -16.26 -1.27 28.85
C ASP A 47 -15.58 0.02 28.45
N ASN A 48 -14.64 -0.08 27.54
CA ASN A 48 -13.93 1.10 27.14
C ASN A 48 -14.58 1.92 26.02
N PHE A 49 -15.78 1.48 25.58
CA PHE A 49 -16.52 2.12 24.50
C PHE A 49 -15.56 2.32 23.29
N ILE A 50 -14.74 1.30 23.00
CA ILE A 50 -13.73 1.39 21.94
C ILE A 50 -14.39 1.67 20.59
N GLY A 51 -13.79 2.59 19.82
CA GLY A 51 -14.34 3.07 18.56
C GLY A 51 -13.81 2.50 17.29
N SER A 52 -12.65 1.84 17.33
CA SER A 52 -12.15 1.22 16.11
C SER A 52 -11.15 0.14 16.45
N LEU A 53 -10.93 -0.82 15.55
CA LEU A 53 -9.93 -1.89 15.75
C LEU A 53 -9.15 -2.02 14.47
N LEU A 54 -7.95 -2.56 14.56
CA LEU A 54 -7.16 -2.78 13.36
C LEU A 54 -6.38 -4.09 13.43
N SER A 55 -6.01 -4.58 12.26
CA SER A 55 -5.13 -5.74 12.17
C SER A 55 -3.78 -5.13 11.74
N GLY A 56 -2.71 -5.32 12.48
CA GLY A 56 -1.46 -4.79 11.95
C GLY A 56 -0.97 -5.85 10.96
N GLY A 57 0.06 -5.57 10.19
CA GLY A 57 0.51 -6.56 9.26
C GLY A 57 0.80 -7.88 9.92
N GLY A 58 0.27 -8.94 9.36
CA GLY A 58 0.54 -10.23 9.93
C GLY A 58 -0.37 -10.58 11.09
N SER A 59 -1.16 -9.61 11.58
CA SER A 59 -2.09 -9.80 12.72
C SER A 59 -3.35 -10.46 12.24
N VAL A 60 -3.41 -11.78 12.27
CA VAL A 60 -4.56 -12.47 11.69
C VAL A 60 -5.08 -13.49 12.66
N PRO A 61 -6.32 -13.99 12.44
CA PRO A 61 -6.94 -15.02 13.30
C PRO A 61 -6.15 -16.35 13.39
N ARG A 62 -5.79 -16.93 12.25
CA ARG A 62 -4.99 -18.17 12.19
C ARG A 62 -4.29 -18.07 10.85
N LYS A 63 -3.24 -18.84 10.62
CA LYS A 63 -2.61 -18.86 9.29
C LYS A 63 -3.64 -19.60 8.48
N GLY A 64 -3.70 -19.26 7.20
CA GLY A 64 -4.61 -19.88 6.29
C GLY A 64 -6.06 -19.78 6.65
N ALA A 65 -6.46 -18.79 7.45
CA ALA A 65 -7.87 -18.61 7.82
C ALA A 65 -8.72 -18.30 6.60
N THR A 66 -9.94 -18.77 6.56
CA THR A 66 -10.80 -18.46 5.40
C THR A 66 -11.49 -17.10 5.51
N ALA A 67 -12.31 -16.75 4.54
CA ALA A 67 -12.95 -15.46 4.61
C ALA A 67 -14.04 -15.42 5.68
N LYS A 68 -14.67 -16.55 6.03
CA LYS A 68 -15.71 -16.46 7.04
C LYS A 68 -15.12 -16.39 8.46
N GLU A 69 -13.86 -16.84 8.60
CA GLU A 69 -13.09 -16.81 9.85
C GLU A 69 -12.78 -15.36 10.08
N TRP A 70 -12.41 -14.63 9.03
CA TRP A 70 -12.19 -13.21 9.20
C TRP A 70 -13.52 -12.55 9.56
N GLN A 71 -14.59 -12.80 8.81
CA GLN A 71 -15.92 -12.20 9.06
C GLN A 71 -16.39 -12.47 10.52
N ASP A 72 -16.18 -13.73 10.93
CA ASP A 72 -16.52 -14.19 12.26
C ASP A 72 -15.77 -13.46 13.35
N MET A 73 -14.53 -13.13 13.09
CA MET A 73 -13.72 -12.44 14.08
C MET A 73 -14.17 -10.99 14.19
N VAL A 74 -14.52 -10.43 13.03
CA VAL A 74 -14.87 -9.02 12.95
C VAL A 74 -16.21 -8.81 13.60
N ASP A 75 -17.13 -9.72 13.29
CA ASP A 75 -18.49 -9.67 13.81
C ASP A 75 -18.48 -9.81 15.33
N GLY A 76 -17.62 -10.70 15.82
CA GLY A 76 -17.48 -10.99 17.23
C GLY A 76 -17.17 -9.75 18.01
N PHE A 77 -16.20 -9.00 17.50
CA PHE A 77 -15.82 -7.75 18.12
C PHE A 77 -16.96 -6.76 17.99
N GLN A 78 -17.60 -6.72 16.82
CA GLN A 78 -18.71 -5.79 16.52
C GLN A 78 -19.85 -5.90 17.48
N LYS A 79 -20.17 -7.14 17.84
CA LYS A 79 -21.20 -7.47 18.82
C LYS A 79 -20.93 -6.82 20.22
N ALA A 80 -19.68 -6.82 20.68
CA ALA A 80 -19.35 -6.23 21.96
C ALA A 80 -19.74 -4.72 21.94
N CYS A 81 -19.24 -4.05 20.91
CA CYS A 81 -19.46 -2.63 20.63
C CYS A 81 -20.94 -2.33 20.45
N MET A 82 -21.61 -3.08 19.58
CA MET A 82 -23.01 -2.82 19.41
C MET A 82 -23.74 -2.98 20.74
N SER A 83 -23.08 -3.61 21.71
CA SER A 83 -23.72 -3.81 23.00
C SER A 83 -23.40 -2.75 24.03
N THR A 84 -22.99 -1.56 23.61
CA THR A 84 -22.69 -0.49 24.57
C THR A 84 -24.03 0.24 24.73
N ARG A 85 -24.07 1.18 25.65
CA ARG A 85 -25.28 1.93 25.91
C ARG A 85 -25.83 2.64 24.69
N LEU A 86 -24.92 3.09 23.81
CA LEU A 86 -25.29 3.79 22.60
C LEU A 86 -25.23 2.85 21.37
N GLY A 87 -24.65 1.66 21.58
CA GLY A 87 -24.49 0.70 20.51
C GLY A 87 -23.89 1.36 19.27
N ILE A 88 -22.77 2.03 19.45
CA ILE A 88 -22.15 2.71 18.32
C ILE A 88 -21.21 1.67 17.74
N PRO A 89 -21.42 1.27 16.46
CA PRO A 89 -20.60 0.20 15.87
C PRO A 89 -19.13 0.65 15.69
N MET A 90 -18.23 -0.31 15.85
CA MET A 90 -16.83 -0.01 15.67
C MET A 90 -16.46 -0.14 14.15
N ILE A 91 -15.35 0.46 13.69
CA ILE A 91 -14.89 0.41 12.30
C ILE A 91 -13.60 -0.38 12.34
N TYR A 92 -13.45 -1.37 11.48
CA TYR A 92 -12.26 -2.19 11.53
C TYR A 92 -11.33 -1.88 10.36
N GLY A 93 -10.13 -1.41 10.68
CA GLY A 93 -9.13 -1.07 9.68
C GLY A 93 -8.02 -2.10 9.45
N ILE A 94 -7.39 -2.05 8.28
CA ILE A 94 -6.34 -2.97 7.89
C ILE A 94 -5.64 -2.42 6.63
N ASP A 95 -4.36 -2.75 6.54
CA ASP A 95 -3.50 -2.40 5.41
C ASP A 95 -3.79 -3.29 4.20
N ALA A 96 -4.85 -2.96 3.45
CA ALA A 96 -5.16 -3.66 2.23
C ALA A 96 -4.46 -2.72 1.25
N VAL A 97 -3.14 -2.88 1.10
CA VAL A 97 -2.33 -2.00 0.25
C VAL A 97 -1.99 -2.44 -1.17
N HIS A 98 -1.97 -3.75 -1.43
CA HIS A 98 -1.83 -4.27 -2.81
C HIS A 98 -2.71 -5.50 -2.89
N GLY A 99 -3.96 -5.27 -2.51
CA GLY A 99 -5.00 -6.27 -2.45
C GLY A 99 -5.29 -6.41 -0.95
N GLN A 100 -6.14 -7.36 -0.55
CA GLN A 100 -6.43 -7.64 0.85
C GLN A 100 -5.25 -8.56 1.27
N ASN A 101 -4.04 -7.99 1.23
CA ASN A 101 -2.78 -8.67 1.46
C ASN A 101 -2.41 -9.50 2.70
N ASN A 102 -3.12 -9.32 3.81
CA ASN A 102 -2.78 -10.10 5.02
C ASN A 102 -3.50 -11.45 4.98
N VAL A 103 -4.51 -11.50 4.13
CA VAL A 103 -5.38 -12.64 4.00
C VAL A 103 -4.94 -13.74 3.02
N TYR A 104 -4.87 -14.97 3.51
CA TYR A 104 -4.49 -16.09 2.68
C TYR A 104 -5.50 -16.25 1.52
N GLY A 105 -4.98 -16.47 0.33
CA GLY A 105 -5.82 -16.56 -0.84
C GLY A 105 -6.23 -15.20 -1.38
N ALA A 106 -5.96 -14.09 -0.70
CA ALA A 106 -6.34 -12.81 -1.32
C ALA A 106 -5.50 -12.57 -2.58
N THR A 107 -6.08 -11.89 -3.56
CA THR A 107 -5.39 -11.56 -4.80
C THR A 107 -4.38 -10.46 -4.49
N ILE A 108 -3.12 -10.73 -4.79
CA ILE A 108 -2.07 -9.74 -4.55
C ILE A 108 -1.76 -8.99 -5.85
N PHE A 109 -2.11 -7.70 -5.90
CA PHE A 109 -1.88 -6.83 -7.06
C PHE A 109 -0.42 -6.36 -7.06
N PRO A 110 0.06 -5.82 -8.18
CA PRO A 110 1.40 -5.20 -8.20
C PRO A 110 1.50 -4.05 -7.18
N HIS A 111 2.61 -3.93 -6.45
CA HIS A 111 2.78 -2.79 -5.53
C HIS A 111 2.77 -1.48 -6.33
N ASN A 112 2.53 -0.37 -5.65
CA ASN A 112 2.41 0.96 -6.27
C ASN A 112 3.33 1.45 -7.34
N VAL A 113 4.63 1.38 -7.10
CA VAL A 113 5.60 1.83 -8.08
C VAL A 113 5.35 1.15 -9.45
N GLY A 114 5.08 -0.15 -9.42
CA GLY A 114 4.79 -0.89 -10.64
C GLY A 114 3.52 -0.33 -11.22
N LEU A 115 2.59 0.10 -10.36
CA LEU A 115 1.35 0.67 -10.86
C LEU A 115 1.61 2.04 -11.55
N GLY A 116 2.59 2.78 -11.04
CA GLY A 116 2.95 4.05 -11.63
C GLY A 116 3.43 3.80 -13.05
N ALA A 117 4.19 2.71 -13.25
CA ALA A 117 4.72 2.36 -14.59
C ALA A 117 3.65 2.18 -15.63
N THR A 118 2.42 1.93 -15.18
CA THR A 118 1.31 1.71 -16.09
C THR A 118 0.70 2.99 -16.60
N ARG A 119 0.85 4.06 -15.86
CA ARG A 119 0.28 5.32 -16.32
C ARG A 119 -1.19 5.08 -16.68
N ASP A 120 -1.83 4.16 -15.99
CA ASP A 120 -3.21 3.87 -16.24
C ASP A 120 -4.03 4.11 -14.96
N PRO A 121 -4.59 5.30 -14.79
CA PRO A 121 -5.30 5.44 -13.53
C PRO A 121 -6.61 4.66 -13.51
N TYR A 122 -7.18 4.30 -14.66
CA TYR A 122 -8.46 3.57 -14.66
C TYR A 122 -8.34 2.17 -14.14
N LEU A 123 -7.22 1.55 -14.53
CA LEU A 123 -6.85 0.21 -14.09
C LEU A 123 -6.60 0.32 -12.58
N VAL A 124 -5.90 1.37 -12.13
CA VAL A 124 -5.73 1.53 -10.69
C VAL A 124 -7.11 1.65 -10.02
N LYS A 125 -8.06 2.34 -10.64
CA LYS A 125 -9.40 2.48 -10.04
C LYS A 125 -10.12 1.12 -9.94
N ARG A 126 -9.91 0.31 -10.98
CA ARG A 126 -10.48 -1.00 -11.04
C ARG A 126 -9.85 -1.91 -9.99
N ILE A 127 -8.58 -1.70 -9.65
CA ILE A 127 -7.92 -2.53 -8.63
C ILE A 127 -8.56 -2.16 -7.28
N GLY A 128 -8.77 -0.86 -7.10
CA GLY A 128 -9.39 -0.34 -5.91
C GLY A 128 -10.77 -0.91 -5.80
N GLU A 129 -11.48 -1.11 -6.90
CA GLU A 129 -12.81 -1.68 -6.80
C GLU A 129 -12.72 -3.13 -6.36
N ALA A 130 -11.82 -3.88 -6.99
CA ALA A 130 -11.58 -5.28 -6.67
C ALA A 130 -11.18 -5.41 -5.22
N THR A 131 -10.24 -4.58 -4.79
CA THR A 131 -9.73 -4.55 -3.41
C THR A 131 -10.78 -4.35 -2.35
N ALA A 132 -11.69 -3.40 -2.60
CA ALA A 132 -12.80 -3.14 -1.67
C ALA A 132 -13.63 -4.41 -1.52
N LEU A 133 -13.99 -5.07 -2.64
CA LEU A 133 -14.72 -6.33 -2.63
C LEU A 133 -13.99 -7.41 -1.83
N GLU A 134 -12.66 -7.47 -1.96
CA GLU A 134 -11.90 -8.51 -1.26
C GLU A 134 -11.74 -8.24 0.20
N VAL A 135 -11.72 -6.96 0.55
CA VAL A 135 -11.63 -6.54 1.95
C VAL A 135 -13.05 -6.86 2.59
N ARG A 136 -14.12 -6.38 1.96
CA ARG A 136 -15.44 -6.70 2.43
C ARG A 136 -15.72 -8.24 2.49
N ALA A 137 -14.98 -9.06 1.73
CA ALA A 137 -15.18 -10.52 1.77
C ALA A 137 -14.76 -11.04 3.15
N THR A 138 -13.88 -10.29 3.83
CA THR A 138 -13.40 -10.69 5.17
C THR A 138 -14.13 -9.90 6.24
N GLY A 139 -15.08 -9.08 5.85
CA GLY A 139 -15.85 -8.32 6.82
C GLY A 139 -15.16 -7.07 7.28
N ILE A 140 -14.27 -6.49 6.50
CA ILE A 140 -13.61 -5.26 6.95
C ILE A 140 -14.14 -4.10 6.07
N GLN A 141 -14.27 -2.93 6.68
CA GLN A 141 -14.84 -1.71 6.12
C GLN A 141 -13.87 -0.53 5.93
N TYR A 142 -12.57 -0.73 6.16
CA TYR A 142 -11.64 0.40 6.10
C TYR A 142 -10.22 -0.05 5.64
N ALA A 143 -9.70 0.57 4.59
CA ALA A 143 -8.37 0.21 4.14
C ALA A 143 -7.43 1.41 4.28
N PHE A 144 -6.26 1.16 4.85
CA PHE A 144 -5.24 2.18 5.05
C PHE A 144 -4.52 2.37 3.73
N ALA A 145 -5.26 2.83 2.74
CA ALA A 145 -4.66 3.02 1.43
C ALA A 145 -5.51 4.07 0.77
N PRO A 146 -4.94 4.88 -0.18
CA PRO A 146 -3.64 4.73 -0.81
C PRO A 146 -2.54 5.51 -0.12
N CYS A 147 -1.31 5.04 -0.32
CA CYS A 147 -0.09 5.69 0.17
C CYS A 147 0.22 6.62 -0.99
N ILE A 148 -0.01 7.91 -0.81
CA ILE A 148 0.28 8.83 -1.89
C ILE A 148 1.58 9.59 -1.65
N ALA A 149 2.55 8.97 -0.98
CA ALA A 149 3.85 9.65 -0.82
C ALA A 149 4.41 9.84 -2.22
N VAL A 150 5.35 10.78 -2.33
CA VAL A 150 6.03 11.02 -3.60
C VAL A 150 7.50 10.73 -3.27
N CYS A 151 7.91 9.46 -3.29
CA CYS A 151 9.28 9.06 -2.96
C CYS A 151 10.34 9.81 -3.73
N ARG A 152 11.17 10.55 -3.04
CA ARG A 152 12.15 11.30 -3.73
C ARG A 152 13.57 10.76 -3.63
N ASP A 153 13.74 9.56 -3.07
CA ASP A 153 15.08 8.95 -2.93
C ASP A 153 14.86 7.46 -2.79
N PRO A 154 15.24 6.66 -3.79
CA PRO A 154 14.85 5.27 -3.57
C PRO A 154 15.55 4.51 -2.42
N ARG A 155 16.39 5.15 -1.64
CA ARG A 155 17.00 4.39 -0.54
C ARG A 155 16.01 4.16 0.62
N TRP A 156 14.83 4.75 0.45
CA TRP A 156 13.75 4.71 1.40
C TRP A 156 13.04 3.35 1.30
N GLY A 157 13.00 2.68 2.46
CA GLY A 157 12.43 1.35 2.59
C GLY A 157 11.07 1.16 2.01
N ARG A 158 10.31 2.25 1.97
CA ARG A 158 8.93 2.31 1.41
C ARG A 158 8.79 2.94 0.01
N CYS A 159 9.86 3.08 -0.78
CA CYS A 159 9.75 3.67 -2.11
C CYS A 159 8.78 2.88 -3.05
N TYR A 160 8.67 1.58 -2.83
CA TYR A 160 7.74 0.81 -3.67
C TYR A 160 6.26 1.19 -3.45
N GLU A 161 5.96 1.77 -2.29
CA GLU A 161 4.61 2.17 -2.03
C GLU A 161 4.28 3.53 -2.61
N SER A 162 5.24 4.16 -3.29
CA SER A 162 5.04 5.49 -3.94
C SER A 162 4.90 5.26 -5.46
N TYR A 163 3.80 5.71 -6.06
CA TYR A 163 3.58 5.50 -7.47
C TYR A 163 4.66 6.05 -8.33
N SER A 164 5.17 7.22 -8.01
CA SER A 164 6.21 7.84 -8.83
C SER A 164 6.92 8.91 -8.03
N GLU A 165 8.08 9.35 -8.54
CA GLU A 165 8.84 10.46 -7.91
C GLU A 165 8.24 11.77 -8.41
N ASP A 166 7.35 11.66 -9.40
CA ASP A 166 6.69 12.77 -10.05
C ASP A 166 5.28 12.87 -9.53
N ARG A 167 5.02 13.87 -8.71
CA ARG A 167 3.68 14.03 -8.17
C ARG A 167 2.57 14.10 -9.20
N ARG A 168 2.88 14.49 -10.42
CA ARG A 168 1.83 14.55 -11.42
C ARG A 168 1.21 13.14 -11.58
N ILE A 169 2.08 12.11 -11.45
CA ILE A 169 1.69 10.68 -11.60
C ILE A 169 0.94 10.21 -10.39
N VAL A 170 1.48 10.55 -9.22
CA VAL A 170 0.81 10.21 -7.98
C VAL A 170 -0.58 10.85 -7.98
N GLN A 171 -0.68 12.10 -8.43
CA GLN A 171 -2.00 12.77 -8.49
C GLN A 171 -2.94 11.96 -9.35
N SER A 172 -2.43 11.44 -10.46
CA SER A 172 -3.25 10.69 -11.36
C SER A 172 -3.73 9.38 -10.73
N MET A 173 -2.89 8.74 -9.93
CA MET A 173 -3.29 7.49 -9.30
C MET A 173 -4.30 7.55 -8.13
N THR A 174 -4.59 8.73 -7.57
CA THR A 174 -5.55 8.86 -6.48
C THR A 174 -6.95 8.30 -6.90
N GLU A 175 -7.04 7.85 -8.15
CA GLU A 175 -8.25 7.24 -8.70
C GLU A 175 -8.44 5.95 -7.95
N LEU A 176 -7.50 5.59 -7.09
CA LEU A 176 -7.67 4.37 -6.31
C LEU A 176 -8.79 4.64 -5.32
N ILE A 177 -8.87 5.88 -4.81
CA ILE A 177 -9.90 6.26 -3.84
C ILE A 177 -11.36 6.06 -4.26
N PRO A 178 -11.84 6.69 -5.35
CA PRO A 178 -13.20 6.30 -5.76
C PRO A 178 -13.30 4.82 -6.16
N GLY A 179 -12.15 4.19 -6.41
CA GLY A 179 -12.21 2.78 -6.75
C GLY A 179 -12.72 2.10 -5.49
N LEU A 180 -12.03 2.32 -4.37
CA LEU A 180 -12.33 1.74 -3.05
C LEU A 180 -13.60 2.29 -2.41
N GLN A 181 -13.83 3.58 -2.52
CA GLN A 181 -15.00 4.12 -1.88
C GLN A 181 -16.22 4.20 -2.81
N GLY A 182 -15.96 4.17 -4.11
CA GLY A 182 -17.02 4.36 -5.09
C GLY A 182 -17.01 5.86 -5.39
N ASP A 183 -17.48 6.26 -6.56
CA ASP A 183 -17.50 7.67 -6.97
C ASP A 183 -18.41 8.58 -6.17
N VAL A 184 -17.96 9.82 -5.99
CA VAL A 184 -18.69 10.85 -5.28
C VAL A 184 -19.82 11.38 -6.13
N PRO A 185 -20.86 11.87 -5.48
CA PRO A 185 -22.01 12.49 -6.11
C PRO A 185 -21.67 13.74 -6.88
N LYS A 186 -22.61 14.12 -7.75
CA LYS A 186 -22.44 15.33 -8.57
C LYS A 186 -22.60 16.51 -7.57
N ASP A 187 -23.45 16.28 -6.60
CA ASP A 187 -23.68 17.30 -5.59
C ASP A 187 -22.40 17.54 -4.76
N PHE A 188 -21.50 16.55 -4.75
CA PHE A 188 -20.27 16.54 -3.93
C PHE A 188 -19.42 17.80 -3.69
N THR A 189 -19.04 18.01 -2.43
CA THR A 189 -18.20 19.14 -1.98
C THR A 189 -16.82 18.63 -1.54
N SER A 190 -15.74 19.14 -2.13
CA SER A 190 -14.38 18.66 -1.77
C SER A 190 -14.15 18.67 -0.25
N GLY A 191 -13.40 17.70 0.26
CA GLY A 191 -13.16 17.62 1.68
C GLY A 191 -14.19 16.78 2.38
N MET A 192 -15.39 16.67 1.83
CA MET A 192 -16.39 15.85 2.49
C MET A 192 -16.09 14.36 2.29
N PRO A 193 -16.20 13.52 3.37
CA PRO A 193 -16.03 12.06 3.28
C PRO A 193 -17.11 11.30 2.50
N PHE A 194 -16.79 10.15 1.95
CA PHE A 194 -17.81 9.43 1.20
C PHE A 194 -17.47 7.96 1.09
N VAL A 195 -18.47 7.09 1.18
CA VAL A 195 -18.29 5.65 0.95
C VAL A 195 -19.66 5.27 0.37
N ALA A 196 -19.71 4.55 -0.74
CA ALA A 196 -21.01 4.26 -1.32
C ALA A 196 -21.88 3.31 -0.54
N GLY A 197 -21.33 2.55 0.40
CA GLY A 197 -22.14 1.61 1.14
C GLY A 197 -21.39 0.33 1.45
N LYS A 198 -22.10 -0.79 1.70
CA LYS A 198 -21.49 -2.06 2.09
C LYS A 198 -20.54 -2.80 1.19
N ASN A 199 -20.58 -2.60 -0.12
CA ASN A 199 -19.60 -3.35 -0.90
C ASN A 199 -18.37 -2.49 -1.22
N LYS A 200 -18.21 -1.43 -0.44
CA LYS A 200 -17.13 -0.48 -0.53
C LYS A 200 -16.54 -0.28 0.88
N VAL A 201 -15.32 0.29 0.90
CA VAL A 201 -14.59 0.55 2.13
C VAL A 201 -14.15 2.06 2.30
N ALA A 202 -13.91 2.52 3.54
CA ALA A 202 -13.44 3.86 3.81
C ALA A 202 -12.01 3.80 3.35
N ALA A 203 -11.54 4.81 2.62
CA ALA A 203 -10.16 4.80 2.15
C ALA A 203 -9.38 5.68 3.08
N CYS A 204 -8.07 5.81 2.81
CA CYS A 204 -7.15 6.62 3.63
C CYS A 204 -5.92 7.18 2.84
N ALA A 205 -5.93 8.49 2.59
CA ALA A 205 -4.80 9.11 1.91
C ALA A 205 -3.61 9.13 2.91
N LYS A 206 -2.59 8.32 2.67
CA LYS A 206 -1.54 8.24 3.67
C LYS A 206 -0.16 8.89 3.54
N HIS A 207 0.26 9.06 4.82
CA HIS A 207 1.39 9.66 5.45
C HIS A 207 1.47 11.09 5.25
N PHE A 208 0.46 11.72 5.83
CA PHE A 208 0.29 13.13 5.71
C PHE A 208 1.54 13.92 6.05
N VAL A 209 1.86 14.39 4.85
CA VAL A 209 2.82 15.23 4.31
C VAL A 209 4.27 15.13 4.51
N GLY A 210 4.87 14.89 3.33
CA GLY A 210 6.30 14.78 3.16
C GLY A 210 6.96 13.49 3.50
N ASP A 211 6.22 12.42 3.68
CA ASP A 211 6.90 11.16 4.03
C ASP A 211 7.93 10.74 2.96
N GLY A 212 7.61 10.91 1.69
CA GLY A 212 8.55 10.54 0.64
C GLY A 212 9.67 11.52 0.41
N GLY A 213 9.67 12.62 1.17
CA GLY A 213 10.72 13.63 1.08
C GLY A 213 11.79 13.62 2.18
N THR A 214 11.92 12.54 2.97
CA THR A 214 12.92 12.50 4.05
C THR A 214 14.39 12.59 3.59
N VAL A 215 15.30 13.08 4.45
CA VAL A 215 16.74 13.17 4.06
C VAL A 215 17.33 11.78 3.83
N ASP A 216 17.98 11.57 2.69
CA ASP A 216 18.58 10.27 2.36
C ASP A 216 17.56 9.17 2.34
N GLY A 217 16.28 9.56 2.34
CA GLY A 217 15.19 8.59 2.32
C GLY A 217 15.25 7.73 3.56
N ILE A 218 15.61 8.32 4.69
CA ILE A 218 15.63 7.57 5.93
C ILE A 218 14.19 7.61 6.37
N ASN A 219 13.64 6.42 6.64
CA ASN A 219 12.25 6.29 7.04
C ASN A 219 11.95 7.01 8.38
N GLU A 220 10.82 7.72 8.45
CA GLU A 220 10.35 8.42 9.67
C GLU A 220 11.24 9.57 10.08
N ASN A 221 12.21 9.89 9.21
CA ASN A 221 13.16 10.94 9.49
C ASN A 221 12.65 12.36 9.16
N ASN A 222 13.55 13.26 8.79
CA ASN A 222 13.16 14.64 8.55
C ASN A 222 13.12 15.06 7.08
N THR A 223 12.14 15.88 6.75
CA THR A 223 11.97 16.43 5.41
C THR A 223 12.33 17.94 5.46
N ILE A 224 13.50 18.25 4.91
CA ILE A 224 14.03 19.60 4.89
C ILE A 224 13.78 20.19 3.52
N ILE A 225 12.74 21.00 3.43
CA ILE A 225 12.33 21.59 2.18
C ILE A 225 11.48 22.77 2.57
N ASN A 226 11.54 23.83 1.77
CA ASN A 226 10.72 24.97 2.09
C ASN A 226 9.25 24.72 1.82
N ARG A 227 8.42 25.60 2.31
CA ARG A 227 7.01 25.41 2.16
C ARG A 227 6.60 25.39 0.72
N GLU A 228 7.36 26.02 -0.18
CA GLU A 228 6.97 25.98 -1.60
C GLU A 228 7.25 24.60 -2.16
N GLY A 229 8.29 23.94 -1.67
CA GLY A 229 8.60 22.62 -2.16
C GLY A 229 7.62 21.58 -1.67
N LEU A 230 7.29 21.69 -0.39
CA LEU A 230 6.34 20.80 0.26
C LEU A 230 5.04 20.79 -0.53
N MET A 231 4.48 21.98 -0.71
CA MET A 231 3.21 22.13 -1.38
C MET A 231 3.24 21.87 -2.86
N ASN A 232 4.42 22.02 -3.46
CA ASN A 232 4.52 21.84 -4.90
C ASN A 232 4.83 20.45 -5.27
N ILE A 233 5.53 19.77 -4.34
CA ILE A 233 5.88 18.35 -4.50
C ILE A 233 5.02 17.37 -3.67
N HIS A 234 5.10 17.46 -2.35
CA HIS A 234 4.34 16.56 -1.48
C HIS A 234 2.85 16.87 -1.18
N MET A 235 2.41 18.12 -1.30
CA MET A 235 1.00 18.36 -1.05
C MET A 235 0.08 17.93 -2.22
N PRO A 236 0.38 18.24 -3.51
CA PRO A 236 -0.66 18.11 -4.56
C PRO A 236 -1.71 16.99 -4.44
N ALA A 237 -1.24 15.74 -4.39
CA ALA A 237 -2.11 14.59 -4.28
C ALA A 237 -3.17 14.69 -3.16
N TYR A 238 -2.85 15.30 -2.01
CA TYR A 238 -3.84 15.42 -0.94
C TYR A 238 -5.11 16.18 -1.27
N LYS A 239 -5.01 17.15 -2.18
CA LYS A 239 -6.13 17.96 -2.60
C LYS A 239 -7.07 17.22 -3.56
N ASN A 240 -6.51 16.41 -4.43
CA ASN A 240 -7.23 15.55 -5.36
C ASN A 240 -8.01 14.55 -4.53
N ALA A 241 -7.36 14.05 -3.49
CA ALA A 241 -7.95 13.12 -2.54
C ALA A 241 -9.23 13.78 -1.93
N MET A 242 -9.12 15.06 -1.54
CA MET A 242 -10.27 15.84 -1.02
C MET A 242 -11.36 15.93 -2.08
N ASP A 243 -11.01 16.24 -3.33
CA ASP A 243 -12.07 16.29 -4.31
C ASP A 243 -12.64 14.92 -4.61
N LYS A 244 -11.91 13.89 -4.20
CA LYS A 244 -12.35 12.53 -4.42
C LYS A 244 -13.09 11.94 -3.25
N GLY A 245 -13.25 12.74 -2.20
CA GLY A 245 -13.96 12.37 -0.99
C GLY A 245 -13.27 11.38 -0.08
N VAL A 246 -11.93 11.35 -0.07
CA VAL A 246 -11.22 10.40 0.78
C VAL A 246 -11.71 10.54 2.20
N SER A 247 -12.13 9.42 2.78
CA SER A 247 -12.67 9.38 4.14
C SER A 247 -11.75 9.82 5.27
N THR A 248 -10.56 9.20 5.36
CA THR A 248 -9.60 9.52 6.41
C THR A 248 -8.24 9.99 5.85
N VAL A 249 -7.40 10.50 6.73
CA VAL A 249 -6.05 10.96 6.38
C VAL A 249 -5.18 10.48 7.54
N MET A 250 -4.13 9.70 7.26
CA MET A 250 -3.24 9.19 8.29
C MET A 250 -2.03 10.10 8.34
N ILE A 251 -1.51 10.32 9.54
CA ILE A 251 -0.38 11.20 9.72
C ILE A 251 0.94 10.43 9.69
N SER A 252 1.94 11.03 9.06
CA SER A 252 3.27 10.45 8.87
C SER A 252 4.15 10.57 10.10
N TYR A 253 4.99 9.57 10.34
CA TYR A 253 5.94 9.55 11.45
C TYR A 253 7.03 10.60 11.25
N SER A 254 7.19 11.05 10.01
CA SER A 254 8.25 11.97 9.65
C SER A 254 8.02 13.35 10.15
N SER A 255 9.11 14.11 10.09
CA SER A 255 9.15 15.50 10.48
C SER A 255 9.32 16.47 9.27
N TRP A 256 8.82 17.69 9.42
CA TRP A 256 8.99 18.69 8.39
C TRP A 256 9.81 19.80 9.02
N ASN A 257 11.06 19.85 8.60
CA ASN A 257 11.99 20.85 9.07
C ASN A 257 12.18 20.77 10.58
N GLY A 258 12.09 19.55 11.11
CA GLY A 258 12.32 19.37 12.54
C GLY A 258 11.08 19.15 13.36
N VAL A 259 9.93 19.58 12.85
CA VAL A 259 8.68 19.38 13.53
C VAL A 259 7.99 18.03 13.14
N LYS A 260 7.55 17.27 14.14
CA LYS A 260 6.86 16.00 13.88
C LYS A 260 5.46 16.26 13.29
N MET A 261 5.05 15.50 12.29
CA MET A 261 3.71 15.69 11.72
C MET A 261 2.56 15.43 12.75
N HIS A 262 2.83 14.54 13.69
CA HIS A 262 1.89 14.16 14.75
C HIS A 262 1.70 15.25 15.79
N ALA A 263 2.59 16.24 15.76
CA ALA A 263 2.50 17.33 16.71
C ALA A 263 2.43 18.63 15.97
N ASN A 264 2.02 18.62 14.70
CA ASN A 264 1.98 19.82 13.90
C ASN A 264 0.58 20.34 13.59
N GLN A 265 0.11 21.23 14.45
CA GLN A 265 -1.20 21.83 14.27
C GLN A 265 -1.33 22.70 13.00
N ASP A 266 -0.24 23.32 12.54
CA ASP A 266 -0.38 24.17 11.34
C ASP A 266 -0.77 23.36 10.15
N LEU A 267 -0.06 22.27 9.92
CA LEU A 267 -0.39 21.46 8.79
C LEU A 267 -1.65 20.63 9.01
N VAL A 268 -1.85 20.08 10.21
CA VAL A 268 -3.04 19.22 10.44
C VAL A 268 -4.36 19.93 10.61
N THR A 269 -4.39 20.91 11.50
CA THR A 269 -5.62 21.67 11.70
C THR A 269 -5.80 22.86 10.76
N GLY A 270 -4.76 23.69 10.70
CA GLY A 270 -4.82 24.88 9.87
C GLY A 270 -4.85 24.62 8.40
N TYR A 271 -4.03 23.66 7.94
CA TYR A 271 -3.99 23.36 6.53
C TYR A 271 -4.95 22.29 6.09
N LEU A 272 -4.67 21.08 6.54
CA LEU A 272 -5.49 19.96 6.15
C LEU A 272 -6.94 20.16 6.49
N LYS A 273 -7.25 20.69 7.67
CA LYS A 273 -8.63 20.90 8.11
C LYS A 273 -9.19 22.25 7.77
N ASP A 274 -8.47 23.31 8.11
CA ASP A 274 -9.01 24.64 7.82
C ASP A 274 -8.91 25.04 6.33
N THR A 275 -7.74 24.96 5.75
CA THR A 275 -7.55 25.33 4.37
C THR A 275 -8.22 24.40 3.36
N LEU A 276 -7.79 23.13 3.32
CA LEU A 276 -8.37 22.10 2.40
C LEU A 276 -9.76 21.68 2.81
N LYS A 277 -10.19 22.14 3.98
CA LYS A 277 -11.50 21.87 4.52
C LYS A 277 -11.87 20.39 4.59
N PHE A 278 -10.90 19.57 4.95
CA PHE A 278 -11.14 18.16 5.07
C PHE A 278 -12.13 17.97 6.20
N LYS A 279 -13.14 17.14 5.96
CA LYS A 279 -14.16 16.84 6.96
C LYS A 279 -14.26 15.36 7.42
N GLY A 280 -13.30 14.55 7.00
CA GLY A 280 -13.28 13.17 7.44
C GLY A 280 -12.50 13.13 8.76
N PHE A 281 -11.91 12.01 9.16
CA PHE A 281 -11.15 11.99 10.39
C PHE A 281 -9.68 11.78 10.09
N VAL A 282 -8.84 12.33 10.97
CA VAL A 282 -7.38 12.24 10.87
C VAL A 282 -6.91 11.19 11.89
N ILE A 283 -6.29 10.13 11.41
CA ILE A 283 -5.80 9.09 12.27
C ILE A 283 -4.25 9.08 12.33
N SER A 284 -3.73 8.75 13.51
CA SER A 284 -2.29 8.67 13.78
C SER A 284 -1.77 7.39 13.16
N ASP A 285 -0.46 7.22 13.15
CA ASP A 285 0.07 5.98 12.62
C ASP A 285 0.36 5.14 13.87
N TRP A 286 0.74 3.89 13.68
CA TRP A 286 1.03 2.98 14.79
C TRP A 286 2.05 3.55 15.76
N GLU A 287 1.64 3.91 16.96
CA GLU A 287 2.56 4.55 17.93
C GLU A 287 3.13 5.86 17.42
N GLY A 288 2.39 6.43 16.48
CA GLY A 288 2.74 7.70 15.91
C GLY A 288 2.95 8.76 16.97
N ILE A 289 2.06 8.90 17.96
CA ILE A 289 2.29 9.91 18.98
C ILE A 289 3.42 9.58 19.99
N ASP A 290 3.63 8.31 20.31
CA ASP A 290 4.69 7.91 21.24
C ASP A 290 6.00 8.50 20.71
N ARG A 291 6.11 8.42 19.39
CA ARG A 291 7.25 8.86 18.58
C ARG A 291 7.58 10.35 18.46
N ILE A 292 6.69 11.20 18.90
CA ILE A 292 6.94 12.64 18.86
C ILE A 292 8.16 12.90 19.77
N THR A 293 8.33 12.03 20.76
CA THR A 293 9.40 12.15 21.77
C THR A 293 10.55 11.23 21.62
N THR A 294 11.72 11.72 22.01
CA THR A 294 12.89 10.87 21.97
C THR A 294 13.55 10.89 23.34
N PRO A 295 13.67 9.69 23.92
CA PRO A 295 13.13 8.43 23.40
C PRO A 295 11.60 8.40 23.17
N ALA A 296 11.15 7.52 22.29
CA ALA A 296 9.71 7.37 22.00
C ALA A 296 9.02 6.94 23.23
N GLY A 297 7.81 7.44 23.38
CA GLY A 297 7.02 7.18 24.57
C GLY A 297 7.74 7.64 25.82
N SER A 298 8.71 8.56 25.74
CA SER A 298 9.39 8.96 26.94
C SER A 298 8.50 9.87 27.78
N ASP A 299 7.54 10.55 27.15
CA ASP A 299 6.64 11.44 27.86
C ASP A 299 5.29 11.35 27.17
N TYR A 300 4.65 10.21 27.37
CA TYR A 300 3.37 9.92 26.78
C TYR A 300 2.27 10.92 27.11
N SER A 301 2.35 11.55 28.27
CA SER A 301 1.37 12.55 28.63
C SER A 301 1.52 13.65 27.58
N TYR A 302 2.76 14.05 27.32
CA TYR A 302 3.07 15.06 26.34
C TYR A 302 2.63 14.62 24.95
N SER A 303 2.80 13.34 24.66
CA SER A 303 2.40 12.79 23.36
C SER A 303 0.91 13.07 23.08
N VAL A 304 0.08 12.78 24.08
CA VAL A 304 -1.35 12.91 23.98
C VAL A 304 -1.76 14.33 23.81
N LYS A 305 -1.18 15.21 24.62
CA LYS A 305 -1.45 16.63 24.55
C LYS A 305 -1.08 17.12 23.16
N ALA A 306 0.19 16.92 22.79
CA ALA A 306 0.73 17.35 21.52
C ALA A 306 -0.08 16.89 20.29
N SER A 307 -0.35 15.60 20.19
CA SER A 307 -1.13 15.12 19.06
C SER A 307 -2.62 15.54 19.04
N ILE A 308 -3.30 15.54 20.19
CA ILE A 308 -4.71 15.92 20.19
C ILE A 308 -4.89 17.41 19.94
N LEU A 309 -4.04 18.25 20.54
CA LEU A 309 -4.23 19.69 20.29
C LEU A 309 -3.94 19.98 18.82
N ALA A 310 -2.96 19.24 18.27
CA ALA A 310 -2.54 19.40 16.86
C ALA A 310 -3.67 19.14 15.93
N GLY A 311 -4.63 18.34 16.36
CA GLY A 311 -5.74 18.04 15.45
C GLY A 311 -6.11 16.59 15.15
N LEU A 312 -5.24 15.62 15.47
CA LEU A 312 -5.59 14.22 15.22
C LEU A 312 -6.90 13.86 15.93
N ASP A 313 -7.69 13.07 15.22
CA ASP A 313 -9.02 12.65 15.62
C ASP A 313 -9.10 11.28 16.28
N MET A 314 -8.48 10.30 15.64
CA MET A 314 -8.45 8.94 16.16
C MET A 314 -7.03 8.51 16.36
N ILE A 315 -6.76 7.88 17.50
CA ILE A 315 -5.43 7.42 17.80
C ILE A 315 -5.19 5.90 17.68
N MET A 316 -4.31 5.53 16.75
CA MET A 316 -3.93 4.14 16.58
C MET A 316 -2.94 3.85 17.72
N VAL A 317 -3.46 3.45 18.89
CA VAL A 317 -2.64 3.24 20.07
C VAL A 317 -1.36 2.40 19.90
N PRO A 318 -1.47 1.13 19.46
CA PRO A 318 -2.66 0.28 19.31
C PRO A 318 -2.80 -0.73 20.48
N ASN A 319 -1.85 -0.73 21.40
CA ASN A 319 -1.87 -1.72 22.45
C ASN A 319 -2.29 -1.26 23.85
N LYS A 320 -1.60 -0.25 24.38
CA LYS A 320 -1.87 0.31 25.68
C LYS A 320 -2.99 1.35 25.68
N TYR A 321 -4.19 0.92 25.30
CA TYR A 321 -5.34 1.81 25.30
C TYR A 321 -5.65 2.33 26.73
N GLN A 322 -5.32 1.52 27.74
CA GLN A 322 -5.58 1.93 29.12
C GLN A 322 -4.88 3.26 29.39
N GLN A 323 -3.56 3.27 29.21
CA GLN A 323 -2.74 4.46 29.39
C GLN A 323 -3.21 5.64 28.55
N PHE A 324 -3.55 5.39 27.30
CA PHE A 324 -4.04 6.45 26.42
C PHE A 324 -5.32 7.07 26.99
N ILE A 325 -6.29 6.21 27.32
CA ILE A 325 -7.57 6.74 27.81
C ILE A 325 -7.51 7.47 29.15
N SER A 326 -6.70 6.92 30.04
CA SER A 326 -6.54 7.51 31.36
C SER A 326 -6.02 8.91 31.18
N ILE A 327 -4.92 9.01 30.43
CA ILE A 327 -4.23 10.28 30.21
C ILE A 327 -5.08 11.32 29.56
N LEU A 328 -5.77 10.93 28.49
CA LEU A 328 -6.59 11.93 27.79
C LEU A 328 -7.77 12.36 28.67
N THR A 329 -8.28 11.43 29.46
CA THR A 329 -9.38 11.73 30.35
C THR A 329 -8.90 12.82 31.31
N GLY A 330 -7.65 12.63 31.75
CA GLY A 330 -7.04 13.56 32.68
C GLY A 330 -6.86 14.97 32.14
N HIS A 331 -6.33 15.06 30.91
CA HIS A 331 -6.11 16.34 30.27
C HIS A 331 -7.43 17.09 30.07
N VAL A 332 -8.50 16.38 29.79
CA VAL A 332 -9.76 17.09 29.62
C VAL A 332 -10.20 17.54 31.02
N ASN A 333 -10.24 16.62 32.00
CA ASN A 333 -10.63 16.99 33.36
C ASN A 333 -9.88 18.23 33.87
N GLY A 334 -8.61 18.35 33.48
CA GLY A 334 -7.81 19.48 33.88
C GLY A 334 -7.92 20.62 32.90
N GLY A 335 -8.84 20.54 31.97
CA GLY A 335 -8.96 21.60 31.00
C GLY A 335 -7.72 21.74 30.11
N VAL A 336 -6.69 20.91 30.25
CA VAL A 336 -5.52 21.07 29.35
C VAL A 336 -5.94 21.02 27.86
N ILE A 337 -6.84 20.09 27.52
CA ILE A 337 -7.39 19.95 26.17
C ILE A 337 -8.90 20.21 26.32
N PRO A 338 -9.45 21.08 25.48
CA PRO A 338 -10.85 21.45 25.62
C PRO A 338 -11.86 20.44 24.97
N MET A 339 -13.06 20.40 25.55
CA MET A 339 -14.11 19.53 25.04
C MET A 339 -14.40 19.78 23.57
N SER A 340 -14.12 21.00 23.11
CA SER A 340 -14.39 21.35 21.69
C SER A 340 -13.51 20.56 20.79
N ARG A 341 -12.28 20.32 21.26
CA ARG A 341 -11.29 19.55 20.53
C ARG A 341 -11.84 18.12 20.40
N ILE A 342 -12.25 17.59 21.55
CA ILE A 342 -12.82 16.26 21.67
C ILE A 342 -14.06 16.11 20.79
N ASP A 343 -14.96 17.08 20.89
CA ASP A 343 -16.18 17.04 20.12
C ASP A 343 -15.94 17.09 18.62
N ASP A 344 -14.94 17.87 18.23
CA ASP A 344 -14.60 17.96 16.84
C ASP A 344 -14.12 16.60 16.40
N ALA A 345 -13.28 15.99 17.21
CA ALA A 345 -12.75 14.68 16.87
C ALA A 345 -13.89 13.69 16.73
N VAL A 346 -14.76 13.65 17.73
CA VAL A 346 -15.84 12.69 17.65
C VAL A 346 -16.83 13.03 16.54
N THR A 347 -16.90 14.31 16.21
CA THR A 347 -17.78 14.71 15.15
C THR A 347 -17.34 14.12 13.80
N ARG A 348 -16.03 14.14 13.56
CA ARG A 348 -15.43 13.64 12.33
C ARG A 348 -15.56 12.15 12.19
N ILE A 349 -15.33 11.44 13.30
CA ILE A 349 -15.42 9.98 13.33
C ILE A 349 -16.86 9.45 13.09
N LEU A 350 -17.84 10.08 13.72
CA LEU A 350 -19.22 9.67 13.51
C LEU A 350 -19.65 9.97 12.05
N ARG A 351 -19.30 11.15 11.53
CA ARG A 351 -19.65 11.50 10.16
C ARG A 351 -19.24 10.38 9.15
N VAL A 352 -17.99 9.94 9.26
CA VAL A 352 -17.45 8.88 8.43
C VAL A 352 -18.30 7.60 8.61
N LYS A 353 -18.48 7.22 9.88
CA LYS A 353 -19.27 6.04 10.25
C LYS A 353 -20.74 6.07 9.72
N PHE A 354 -21.39 7.19 9.95
CA PHE A 354 -22.75 7.37 9.54
C PHE A 354 -22.76 7.36 8.04
N THR A 355 -21.89 8.14 7.44
CA THR A 355 -21.85 8.21 5.99
C THR A 355 -21.67 6.86 5.31
N MET A 356 -20.58 6.16 5.61
CA MET A 356 -20.38 4.88 4.95
C MET A 356 -21.55 3.89 5.15
N GLY A 357 -22.47 4.26 6.03
CA GLY A 357 -23.56 3.39 6.39
C GLY A 357 -23.28 2.36 7.49
N LEU A 358 -22.22 2.53 8.29
CA LEU A 358 -21.91 1.56 9.35
C LEU A 358 -23.07 1.32 10.33
N PHE A 359 -23.86 2.35 10.62
CA PHE A 359 -24.96 2.16 11.56
C PHE A 359 -26.05 1.28 10.98
N GLU A 360 -26.18 1.28 9.66
CA GLU A 360 -27.17 0.45 8.98
C GLU A 360 -26.69 -0.96 8.68
N ASN A 361 -25.39 -1.15 8.48
CA ASN A 361 -24.82 -2.48 8.20
C ASN A 361 -23.53 -2.80 8.97
N PRO A 362 -23.63 -3.03 10.28
CA PRO A 362 -22.37 -3.09 11.01
C PRO A 362 -21.68 -4.45 10.96
N TYR A 363 -22.39 -5.44 10.43
CA TYR A 363 -21.83 -6.79 10.35
C TYR A 363 -21.49 -7.23 8.94
N ALA A 364 -20.76 -8.34 8.86
CA ALA A 364 -20.32 -8.91 7.60
C ALA A 364 -21.44 -9.60 6.83
N ASP A 365 -21.31 -9.59 5.51
CA ASP A 365 -22.25 -10.23 4.62
C ASP A 365 -21.63 -11.52 4.25
N PRO A 366 -22.26 -12.61 4.56
CA PRO A 366 -21.62 -13.90 4.30
C PRO A 366 -21.49 -14.14 2.80
N ALA A 367 -22.29 -13.43 2.02
CA ALA A 367 -22.29 -13.59 0.60
C ALA A 367 -21.06 -13.06 -0.08
N MET A 368 -20.40 -12.08 0.53
CA MET A 368 -19.17 -11.50 0.00
C MET A 368 -17.90 -12.39 0.18
N ALA A 369 -17.98 -13.46 1.00
CA ALA A 369 -16.83 -14.35 1.24
C ALA A 369 -16.18 -14.90 -0.05
N GLU A 370 -16.98 -15.28 -1.03
CA GLU A 370 -16.42 -15.76 -2.29
C GLU A 370 -15.74 -14.64 -3.09
N GLN A 371 -15.77 -13.40 -2.65
CA GLN A 371 -15.08 -12.37 -3.42
C GLN A 371 -13.54 -12.51 -3.33
N LEU A 372 -13.06 -12.98 -2.18
CA LEU A 372 -11.64 -13.15 -1.91
C LEU A 372 -10.97 -14.02 -2.92
N GLY A 373 -10.00 -13.49 -3.65
CA GLY A 373 -9.31 -14.26 -4.63
C GLY A 373 -10.20 -14.62 -5.79
N LYS A 374 -11.27 -13.88 -6.02
CA LYS A 374 -12.19 -14.19 -7.13
C LYS A 374 -11.32 -14.19 -8.37
N GLN A 375 -11.55 -15.12 -9.31
CA GLN A 375 -10.74 -15.22 -10.53
C GLN A 375 -10.72 -13.95 -11.40
N GLU A 376 -11.83 -13.23 -11.45
CA GLU A 376 -11.87 -12.02 -12.25
C GLU A 376 -10.89 -10.98 -11.68
N HIS A 377 -10.72 -10.92 -10.36
CA HIS A 377 -9.77 -9.96 -9.78
C HIS A 377 -8.40 -10.41 -10.21
N ARG A 378 -8.15 -11.71 -10.07
CA ARG A 378 -6.88 -12.30 -10.46
C ARG A 378 -6.58 -12.00 -11.95
N ASP A 379 -7.59 -12.08 -12.82
CA ASP A 379 -7.35 -11.75 -14.21
C ASP A 379 -6.88 -10.30 -14.31
N LEU A 380 -7.45 -9.41 -13.47
CA LEU A 380 -7.09 -7.96 -13.40
C LEU A 380 -5.68 -7.71 -12.89
N ALA A 381 -5.26 -8.47 -11.88
CA ALA A 381 -3.94 -8.34 -11.30
C ALA A 381 -2.99 -8.71 -12.38
N ARG A 382 -3.29 -9.82 -13.02
CA ARG A 382 -2.50 -10.31 -14.14
C ARG A 382 -2.32 -9.18 -15.18
N GLU A 383 -3.39 -8.45 -15.49
CA GLU A 383 -3.32 -7.36 -16.47
C GLU A 383 -2.36 -6.30 -16.03
N ALA A 384 -2.57 -5.80 -14.82
CA ALA A 384 -1.73 -4.79 -14.17
C ALA A 384 -0.26 -5.21 -14.01
N ALA A 385 0.00 -6.50 -13.73
CA ALA A 385 1.39 -6.95 -13.59
C ALA A 385 2.04 -6.78 -14.94
N ARG A 386 1.42 -7.35 -15.98
CA ARG A 386 1.93 -7.26 -17.35
C ARG A 386 2.17 -5.79 -17.74
N LYS A 387 1.19 -4.93 -17.51
CA LYS A 387 1.33 -3.55 -17.86
C LYS A 387 2.36 -2.77 -17.06
N SER A 388 2.69 -3.26 -15.89
CA SER A 388 3.66 -2.53 -15.10
C SER A 388 5.12 -2.81 -15.49
N LEU A 389 5.38 -3.82 -16.32
CA LEU A 389 6.77 -4.19 -16.70
C LEU A 389 7.45 -3.13 -17.55
N VAL A 390 8.73 -2.89 -17.34
CA VAL A 390 9.41 -1.94 -18.21
C VAL A 390 10.60 -2.67 -18.84
N LEU A 391 10.51 -2.88 -20.15
CA LEU A 391 11.58 -3.51 -20.91
C LEU A 391 12.72 -2.46 -20.91
N LEU A 392 13.89 -2.79 -20.36
CA LEU A 392 15.02 -1.86 -20.30
C LEU A 392 16.05 -2.03 -21.39
N LYS A 393 16.05 -3.23 -21.96
CA LYS A 393 16.98 -3.60 -23.03
C LYS A 393 16.47 -4.83 -23.75
N ASN A 394 16.45 -4.79 -25.07
CA ASN A 394 16.04 -5.97 -25.78
C ASN A 394 16.99 -6.29 -26.98
N GLY A 395 18.23 -6.65 -26.66
CA GLY A 395 19.22 -6.99 -27.66
C GLY A 395 20.53 -6.42 -27.16
N LYS A 396 21.65 -7.10 -27.37
CA LYS A 396 22.95 -6.60 -26.93
C LYS A 396 23.53 -5.49 -27.78
N THR A 397 23.24 -5.50 -29.08
CA THR A 397 23.74 -4.45 -29.98
C THR A 397 22.62 -4.09 -30.94
N SER A 398 22.62 -2.84 -31.39
CA SER A 398 21.61 -2.34 -32.31
C SER A 398 21.40 -3.21 -33.52
N THR A 399 22.29 -4.17 -33.72
CA THR A 399 22.13 -4.97 -34.88
C THR A 399 21.71 -6.42 -34.64
N ASP A 400 21.55 -6.75 -33.36
CA ASP A 400 21.09 -8.06 -32.96
C ASP A 400 19.63 -8.27 -33.33
N ALA A 401 19.21 -9.52 -33.36
CA ALA A 401 17.81 -9.87 -33.57
C ALA A 401 17.19 -9.67 -32.16
N PRO A 402 16.16 -8.88 -32.04
CA PRO A 402 15.59 -8.67 -30.70
C PRO A 402 15.19 -10.00 -30.07
N LEU A 403 15.60 -10.24 -28.81
CA LEU A 403 15.27 -11.48 -28.10
C LEU A 403 13.78 -11.64 -27.76
N LEU A 404 13.13 -10.58 -27.28
CA LEU A 404 11.73 -10.66 -26.89
C LEU A 404 10.88 -10.23 -28.08
N PRO A 405 9.67 -10.79 -28.21
CA PRO A 405 9.10 -11.79 -27.29
C PRO A 405 9.63 -13.16 -27.64
N LEU A 406 9.79 -14.02 -26.64
CA LEU A 406 10.31 -15.38 -26.87
C LEU A 406 9.27 -16.23 -27.59
N PRO A 407 9.70 -17.21 -28.42
CA PRO A 407 8.82 -18.25 -28.98
C PRO A 407 8.33 -19.21 -27.91
N LYS A 408 7.12 -19.70 -28.06
CA LYS A 408 6.57 -20.59 -27.07
C LYS A 408 6.95 -22.01 -27.38
N LYS A 409 7.25 -22.28 -28.62
CA LYS A 409 7.66 -23.63 -29.01
C LYS A 409 9.17 -23.62 -29.18
N ALA A 410 9.92 -24.29 -28.30
CA ALA A 410 11.39 -24.38 -28.42
C ALA A 410 11.76 -25.76 -27.91
N PRO A 411 12.77 -26.39 -28.45
CA PRO A 411 13.02 -27.77 -28.02
C PRO A 411 13.16 -27.91 -26.49
N LYS A 412 13.86 -26.95 -25.92
CA LYS A 412 14.12 -26.97 -24.49
C LYS A 412 14.54 -25.59 -23.98
N ILE A 413 14.10 -25.21 -22.79
CA ILE A 413 14.45 -23.90 -22.23
C ILE A 413 14.86 -24.00 -20.74
N LEU A 414 15.52 -22.96 -20.26
CA LEU A 414 15.90 -22.92 -18.86
C LEU A 414 15.26 -21.74 -18.11
N VAL A 415 14.69 -22.05 -16.96
CA VAL A 415 14.13 -20.99 -16.12
C VAL A 415 15.09 -21.15 -14.92
N ALA A 416 15.71 -20.04 -14.55
CA ALA A 416 16.69 -20.04 -13.46
C ALA A 416 16.54 -18.80 -12.60
N GLY A 417 17.13 -18.84 -11.41
CA GLY A 417 17.12 -17.69 -10.54
C GLY A 417 16.38 -17.79 -9.23
N SER A 418 16.86 -17.07 -8.23
CA SER A 418 16.26 -17.10 -6.92
C SER A 418 14.83 -16.61 -6.93
N HIS A 419 14.45 -15.85 -7.97
CA HIS A 419 13.09 -15.32 -8.04
C HIS A 419 12.22 -15.99 -9.06
N ALA A 420 12.73 -16.98 -9.75
CA ALA A 420 11.98 -17.71 -10.77
C ALA A 420 10.80 -18.50 -10.22
N ASP A 421 10.94 -19.04 -9.02
CA ASP A 421 9.85 -19.82 -8.45
C ASP A 421 9.66 -19.50 -6.98
N ASN A 422 9.47 -18.23 -6.65
CA ASN A 422 9.34 -17.84 -5.26
C ASN A 422 8.28 -16.76 -5.15
N LEU A 423 7.07 -17.22 -4.78
CA LEU A 423 5.85 -16.40 -4.66
C LEU A 423 5.97 -15.24 -3.69
N GLY A 424 6.62 -15.50 -2.56
CA GLY A 424 6.79 -14.46 -1.56
C GLY A 424 7.73 -13.38 -2.07
N TYR A 425 8.78 -13.78 -2.76
CA TYR A 425 9.72 -12.79 -3.30
C TYR A 425 8.97 -11.89 -4.33
N GLN A 426 8.26 -12.57 -5.21
CA GLN A 426 7.47 -11.97 -6.27
C GLN A 426 6.47 -10.95 -5.76
N CYS A 427 6.00 -11.12 -4.53
CA CYS A 427 4.99 -10.26 -3.94
C CYS A 427 5.59 -9.16 -3.09
N GLY A 428 6.72 -9.42 -2.49
CA GLY A 428 7.32 -8.37 -1.72
C GLY A 428 6.68 -8.13 -0.38
N GLY A 429 7.03 -6.99 0.25
CA GLY A 429 6.52 -6.67 1.56
C GLY A 429 5.02 -6.47 1.54
N TRP A 430 4.42 -6.44 2.72
CA TRP A 430 2.97 -6.27 2.87
C TRP A 430 2.29 -7.44 2.16
N THR A 431 2.54 -8.63 2.65
CA THR A 431 1.96 -9.80 2.06
C THR A 431 1.98 -10.91 3.08
N ILE A 432 0.80 -11.25 3.62
CA ILE A 432 0.71 -12.33 4.62
C ILE A 432 1.48 -11.86 5.92
N GLU A 433 2.80 -11.71 5.86
CA GLU A 433 3.51 -11.22 7.03
C GLU A 433 3.65 -9.72 6.80
N TRP A 434 4.02 -8.97 7.83
CA TRP A 434 4.22 -7.53 7.68
C TRP A 434 5.36 -7.29 6.66
N GLN A 435 6.50 -7.90 6.95
CA GLN A 435 7.67 -7.78 6.10
C GLN A 435 7.64 -8.66 4.82
N GLY A 436 6.53 -9.31 4.56
CA GLY A 436 6.51 -10.19 3.42
C GLY A 436 7.18 -11.46 3.91
N ASP A 437 7.50 -12.38 3.02
CA ASP A 437 8.10 -13.63 3.42
C ASP A 437 8.59 -14.34 2.21
N THR A 438 9.19 -15.49 2.40
CA THR A 438 9.69 -16.22 1.26
C THR A 438 8.86 -17.45 0.95
N GLY A 439 8.96 -17.97 -0.26
CA GLY A 439 8.24 -19.19 -0.57
C GLY A 439 6.76 -19.09 -0.86
N ARG A 440 6.09 -20.24 -0.88
CA ARG A 440 4.67 -20.33 -1.21
C ARG A 440 3.76 -20.03 -0.04
N THR A 441 3.65 -18.73 0.23
CA THR A 441 2.88 -18.14 1.31
C THR A 441 1.42 -17.96 1.06
N THR A 442 0.99 -18.11 -0.20
CA THR A 442 -0.42 -17.91 -0.51
C THR A 442 -0.77 -18.45 -1.90
N VAL A 443 -1.97 -18.20 -2.43
CA VAL A 443 -2.34 -18.69 -3.75
C VAL A 443 -1.81 -17.78 -4.93
N GLY A 444 -1.20 -18.41 -5.94
CA GLY A 444 -0.66 -17.66 -7.06
C GLY A 444 0.22 -18.47 -8.03
N THR A 445 0.87 -17.75 -8.95
CA THR A 445 1.67 -18.41 -9.98
C THR A 445 3.01 -17.75 -10.05
N THR A 446 4.08 -18.54 -9.91
CA THR A 446 5.42 -18.03 -9.94
C THR A 446 5.82 -17.91 -11.38
N ILE A 447 6.97 -17.27 -11.65
CA ILE A 447 7.44 -17.13 -13.01
C ILE A 447 7.71 -18.52 -13.64
N LEU A 448 8.07 -19.51 -12.82
CA LEU A 448 8.25 -20.87 -13.33
C LEU A 448 6.88 -21.47 -13.76
N GLU A 449 5.92 -21.53 -12.84
CA GLU A 449 4.59 -22.04 -13.14
C GLU A 449 3.97 -21.35 -14.38
N ALA A 450 4.06 -20.04 -14.41
CA ALA A 450 3.58 -19.23 -15.52
C ALA A 450 4.28 -19.64 -16.87
N VAL A 451 5.56 -19.97 -16.79
CA VAL A 451 6.32 -20.36 -17.96
C VAL A 451 5.80 -21.71 -18.45
N LYS A 452 5.62 -22.65 -17.51
CA LYS A 452 5.09 -23.97 -17.85
C LYS A 452 3.66 -23.88 -18.38
N ALA A 453 2.92 -22.89 -17.87
CA ALA A 453 1.56 -22.68 -18.28
C ALA A 453 1.52 -22.08 -19.66
N ALA A 454 2.61 -21.46 -20.08
CA ALA A 454 2.66 -20.79 -21.38
C ALA A 454 3.18 -21.55 -22.60
N VAL A 455 4.21 -22.33 -22.38
CA VAL A 455 4.83 -22.96 -23.51
C VAL A 455 4.08 -24.12 -24.15
N ASP A 456 4.44 -24.35 -25.40
CA ASP A 456 3.91 -25.41 -26.23
C ASP A 456 4.18 -26.71 -25.48
N PRO A 457 3.26 -27.70 -25.54
CA PRO A 457 3.56 -28.97 -24.85
C PRO A 457 4.88 -29.65 -25.31
N SER A 458 5.32 -29.35 -26.53
CA SER A 458 6.52 -30.01 -27.01
C SER A 458 7.71 -29.34 -26.35
N THR A 459 7.52 -28.12 -25.84
CA THR A 459 8.61 -27.41 -25.18
C THR A 459 9.06 -27.94 -23.81
N VAL A 460 10.21 -28.63 -23.77
CA VAL A 460 10.75 -29.09 -22.50
C VAL A 460 11.20 -27.87 -21.64
N VAL A 461 10.79 -27.85 -20.37
CA VAL A 461 11.16 -26.73 -19.47
C VAL A 461 12.10 -27.12 -18.30
N VAL A 462 13.30 -26.60 -18.27
CA VAL A 462 14.21 -26.99 -17.20
C VAL A 462 14.38 -25.94 -16.14
N PHE A 463 14.17 -26.33 -14.89
CA PHE A 463 14.38 -25.37 -13.81
C PHE A 463 15.68 -25.64 -13.09
N ALA A 464 16.42 -24.57 -12.80
CA ALA A 464 17.67 -24.68 -12.05
C ALA A 464 17.81 -23.36 -11.38
N GLU A 465 17.64 -23.34 -10.06
CA GLU A 465 17.76 -22.09 -9.36
C GLU A 465 19.07 -21.35 -9.56
N ASN A 466 20.18 -22.07 -9.55
CA ASN A 466 21.47 -21.44 -9.65
C ASN A 466 22.48 -22.26 -10.39
N PRO A 467 22.31 -22.38 -11.69
CA PRO A 467 23.13 -23.28 -12.49
C PRO A 467 24.57 -22.78 -12.76
N ASP A 468 25.54 -23.70 -12.82
CA ASP A 468 26.91 -23.27 -13.12
C ASP A 468 26.96 -23.03 -14.62
N ALA A 469 28.00 -22.31 -15.06
CA ALA A 469 28.14 -21.98 -16.47
C ALA A 469 28.21 -23.17 -17.38
N GLU A 470 28.83 -24.26 -16.93
CA GLU A 470 28.93 -25.44 -17.76
C GLU A 470 27.59 -26.14 -17.82
N PHE A 471 26.76 -25.93 -16.83
CA PHE A 471 25.48 -26.61 -16.85
C PHE A 471 24.63 -26.08 -17.97
N VAL A 472 24.73 -24.77 -18.20
CA VAL A 472 23.94 -24.11 -19.22
C VAL A 472 24.47 -24.40 -20.60
N LYS A 473 25.79 -24.27 -20.77
CA LYS A 473 26.44 -24.50 -22.07
C LYS A 473 26.23 -25.92 -22.57
N SER A 474 26.12 -26.89 -21.68
CA SER A 474 25.88 -28.26 -22.15
C SER A 474 24.42 -28.65 -22.19
N GLY A 475 23.53 -27.76 -21.76
CA GLY A 475 22.12 -28.09 -21.74
C GLY A 475 21.34 -28.02 -23.02
N GLY A 476 21.97 -27.63 -24.10
CA GLY A 476 21.24 -27.53 -25.34
C GLY A 476 19.95 -26.74 -25.17
N PHE A 477 19.99 -25.57 -24.54
CA PHE A 477 18.80 -24.74 -24.31
C PHE A 477 18.67 -23.74 -25.42
N SER A 478 17.49 -23.29 -25.74
CA SER A 478 17.33 -22.32 -26.82
C SER A 478 17.49 -20.90 -26.32
N TYR A 479 17.14 -20.72 -25.06
CA TYR A 479 17.25 -19.42 -24.42
C TYR A 479 16.85 -19.68 -22.99
N ALA A 480 17.16 -18.74 -22.09
CA ALA A 480 16.81 -18.83 -20.68
C ALA A 480 16.09 -17.57 -20.16
N ILE A 481 15.35 -17.74 -19.06
CA ILE A 481 14.67 -16.63 -18.40
C ILE A 481 15.22 -16.73 -17.00
N VAL A 482 15.86 -15.67 -16.53
CA VAL A 482 16.46 -15.67 -15.20
C VAL A 482 15.80 -14.60 -14.37
N ALA A 483 15.29 -14.99 -13.20
CA ALA A 483 14.61 -14.06 -12.35
C ALA A 483 15.45 -13.80 -11.09
N VAL A 484 15.87 -12.56 -10.87
CA VAL A 484 16.65 -12.28 -9.66
C VAL A 484 16.16 -10.92 -9.06
N GLY A 485 16.57 -10.61 -7.83
CA GLY A 485 16.12 -9.36 -7.25
C GLY A 485 16.26 -9.14 -5.74
N GLU A 486 15.53 -8.15 -5.25
CA GLU A 486 15.55 -7.82 -3.85
C GLU A 486 14.71 -8.84 -3.10
N HIS A 487 14.92 -8.90 -1.79
CA HIS A 487 14.13 -9.75 -0.93
C HIS A 487 12.97 -8.92 -0.33
N PRO A 488 11.89 -9.56 0.19
CA PRO A 488 10.74 -8.72 0.59
C PRO A 488 11.17 -7.83 1.74
N TYR A 489 10.68 -6.59 1.79
CA TYR A 489 11.00 -5.67 2.88
C TYR A 489 9.93 -4.65 3.15
N THR A 490 9.87 -4.23 4.39
CA THR A 490 8.85 -3.24 4.69
C THR A 490 9.42 -2.20 5.62
N GLU A 491 9.04 -0.96 5.38
CA GLU A 491 9.48 0.11 6.23
C GLU A 491 10.99 0.18 6.47
N THR A 492 11.43 0.55 7.66
CA THR A 492 12.85 0.68 7.88
C THR A 492 13.67 -0.51 7.46
N LYS A 493 13.06 -1.69 7.44
CA LYS A 493 13.82 -2.83 7.02
C LYS A 493 14.30 -2.63 5.61
N GLY A 494 13.61 -1.77 4.88
CA GLY A 494 13.97 -1.52 3.50
C GLY A 494 14.95 -0.41 3.25
N ASP A 495 15.12 0.50 4.20
CA ASP A 495 16.08 1.59 4.02
C ASP A 495 17.39 0.93 3.58
N ASN A 496 17.87 1.33 2.43
CA ASN A 496 19.04 0.71 1.89
C ASN A 496 19.84 1.79 1.20
N LEU A 497 21.13 1.91 1.59
CA LEU A 497 22.04 2.93 1.02
C LEU A 497 22.85 2.49 -0.20
N ASN A 498 23.09 1.19 -0.34
CA ASN A 498 23.90 0.66 -1.40
C ASN A 498 23.11 0.26 -2.61
N LEU A 499 21.83 -0.03 -2.43
CA LEU A 499 20.92 -0.46 -3.50
C LEU A 499 21.45 -1.47 -4.58
N THR A 500 22.11 -2.51 -4.12
CA THR A 500 22.62 -3.51 -5.04
C THR A 500 21.88 -4.79 -4.68
N ILE A 501 21.56 -5.66 -5.64
CA ILE A 501 20.83 -6.87 -5.26
C ILE A 501 21.65 -7.99 -4.62
N PRO A 502 21.03 -8.73 -3.69
CA PRO A 502 21.81 -9.72 -2.97
C PRO A 502 22.22 -10.84 -3.92
N GLU A 503 23.32 -11.51 -3.60
CA GLU A 503 23.80 -12.64 -4.37
C GLU A 503 23.32 -13.99 -3.79
N PRO A 504 23.29 -15.02 -4.65
CA PRO A 504 23.73 -14.98 -6.04
C PRO A 504 22.62 -14.30 -6.84
N GLY A 505 22.99 -13.40 -7.73
CA GLY A 505 21.97 -12.70 -8.50
C GLY A 505 22.67 -12.33 -9.78
N LEU A 506 23.78 -11.62 -9.62
CA LEU A 506 24.53 -11.20 -10.75
C LEU A 506 25.27 -12.37 -11.28
N SER A 507 25.81 -13.19 -10.38
CA SER A 507 26.61 -14.37 -10.81
C SER A 507 25.87 -15.42 -11.55
N THR A 508 24.60 -15.61 -11.20
CA THR A 508 23.74 -16.58 -11.87
C THR A 508 23.39 -16.00 -13.26
N VAL A 509 23.14 -14.68 -13.32
CA VAL A 509 22.77 -14.08 -14.58
C VAL A 509 23.96 -14.21 -15.47
N GLN A 510 25.13 -13.80 -15.01
CA GLN A 510 26.31 -13.94 -15.84
C GLN A 510 26.53 -15.42 -16.23
N ALA A 511 26.24 -16.35 -15.31
CA ALA A 511 26.46 -17.79 -15.58
C ALA A 511 25.58 -18.31 -16.71
N VAL A 512 24.30 -18.01 -16.58
CA VAL A 512 23.30 -18.39 -17.53
C VAL A 512 23.45 -17.67 -18.86
N CYS A 513 23.70 -16.37 -18.81
CA CYS A 513 23.84 -15.56 -20.00
C CYS A 513 25.14 -15.85 -20.71
N GLY A 514 26.18 -16.21 -19.96
CA GLY A 514 27.41 -16.54 -20.63
C GLY A 514 27.20 -17.75 -21.55
N GLY A 515 26.39 -18.70 -21.08
CA GLY A 515 26.15 -19.88 -21.88
C GLY A 515 25.02 -19.83 -22.87
N VAL A 516 23.94 -19.10 -22.59
CA VAL A 516 22.79 -19.01 -23.52
C VAL A 516 22.18 -17.62 -23.53
N ARG A 517 21.57 -17.21 -24.65
CA ARG A 517 20.91 -15.91 -24.74
C ARG A 517 19.85 -15.96 -23.67
N CYS A 518 19.69 -14.86 -22.93
CA CYS A 518 18.79 -14.81 -21.76
C CYS A 518 17.96 -13.54 -21.65
N ALA A 519 16.79 -13.69 -21.02
CA ALA A 519 15.93 -12.54 -20.72
C ALA A 519 15.93 -12.44 -19.17
N THR A 520 16.48 -11.35 -18.65
CA THR A 520 16.52 -11.19 -17.22
C THR A 520 15.31 -10.43 -16.75
N VAL A 521 14.67 -11.01 -15.76
CA VAL A 521 13.50 -10.41 -15.16
C VAL A 521 13.98 -9.92 -13.75
N LEU A 522 14.05 -8.60 -13.58
CA LEU A 522 14.46 -8.06 -12.31
C LEU A 522 13.29 -7.78 -11.35
N ILE A 523 13.21 -8.48 -10.23
CA ILE A 523 12.12 -8.24 -9.29
C ILE A 523 12.75 -7.34 -8.25
N SER A 524 12.26 -6.10 -8.16
CA SER A 524 12.73 -5.09 -7.18
C SER A 524 11.61 -4.11 -6.81
N GLY A 525 11.79 -3.41 -5.70
CA GLY A 525 10.80 -2.43 -5.29
C GLY A 525 11.22 -1.05 -5.75
N ARG A 526 12.43 -0.94 -6.26
CA ARG A 526 12.95 0.36 -6.68
C ARG A 526 14.03 0.17 -7.75
N PRO A 527 14.49 1.28 -8.37
CA PRO A 527 15.82 1.31 -8.97
C PRO A 527 16.90 0.77 -8.05
N VAL A 528 17.71 -0.11 -8.63
CA VAL A 528 18.85 -0.75 -7.94
C VAL A 528 20.01 -0.72 -8.94
N VAL A 529 21.22 -0.89 -8.40
CA VAL A 529 22.42 -0.91 -9.22
C VAL A 529 22.16 -1.97 -10.29
N VAL A 530 22.06 -1.54 -11.55
CA VAL A 530 21.75 -2.44 -12.67
C VAL A 530 22.78 -2.58 -13.87
N GLN A 531 23.84 -1.78 -13.97
CA GLN A 531 24.73 -1.89 -15.12
C GLN A 531 25.39 -3.21 -15.36
N PRO A 532 25.89 -3.87 -14.31
CA PRO A 532 26.29 -5.29 -14.40
C PRO A 532 25.22 -6.24 -14.96
N LEU A 533 24.01 -6.21 -14.41
CA LEU A 533 22.95 -7.08 -14.90
C LEU A 533 22.65 -6.78 -16.36
N LEU A 534 22.72 -5.50 -16.70
CA LEU A 534 22.48 -5.08 -18.07
C LEU A 534 23.65 -5.59 -18.93
N ALA A 535 24.86 -5.52 -18.41
CA ALA A 535 26.01 -5.99 -19.16
C ALA A 535 25.87 -7.45 -19.62
N ALA A 536 25.45 -8.35 -18.73
CA ALA A 536 25.31 -9.76 -19.12
C ALA A 536 24.07 -10.17 -19.95
N SER A 537 22.96 -9.44 -19.84
CA SER A 537 21.73 -9.88 -20.48
C SER A 537 21.45 -9.49 -21.91
N ASP A 538 20.69 -10.33 -22.63
CA ASP A 538 20.30 -9.99 -24.00
C ASP A 538 19.08 -9.07 -23.83
N ALA A 539 18.10 -9.48 -23.05
CA ALA A 539 16.99 -8.56 -22.78
C ALA A 539 16.87 -8.50 -21.23
N LEU A 540 16.40 -7.38 -20.70
CA LEU A 540 16.23 -7.24 -19.27
C LEU A 540 14.94 -6.50 -19.05
N VAL A 541 14.10 -7.01 -18.14
CA VAL A 541 12.80 -6.41 -17.82
C VAL A 541 12.70 -6.08 -16.31
N ALA A 542 12.24 -4.87 -16.02
CA ALA A 542 12.03 -4.40 -14.65
C ALA A 542 10.58 -4.79 -14.31
N ALA A 543 10.41 -5.84 -13.52
CA ALA A 543 9.07 -6.31 -13.20
C ALA A 543 8.52 -5.70 -11.94
N TRP A 544 9.33 -4.92 -11.24
CA TRP A 544 8.97 -4.32 -9.95
C TRP A 544 8.54 -5.49 -9.02
N LEU A 545 7.54 -5.29 -8.16
CA LEU A 545 7.07 -6.37 -7.28
C LEU A 545 5.70 -6.83 -7.76
N PRO A 546 5.68 -7.66 -8.82
CA PRO A 546 4.48 -7.81 -9.65
C PRO A 546 3.27 -8.38 -8.97
N GLY A 547 3.43 -9.09 -7.86
CA GLY A 547 2.26 -9.66 -7.21
C GLY A 547 2.07 -11.18 -7.33
N SER A 548 0.89 -11.67 -6.96
CA SER A 548 0.64 -13.10 -6.99
C SER A 548 0.48 -13.69 -8.40
N GLU A 549 0.00 -12.93 -9.38
CA GLU A 549 -0.22 -13.52 -10.69
C GLU A 549 0.95 -13.45 -11.66
N GLY A 550 1.91 -14.36 -11.54
CA GLY A 550 3.08 -14.31 -12.41
C GLY A 550 2.92 -14.38 -13.91
N GLN A 551 1.79 -14.88 -14.42
CA GLN A 551 1.50 -14.95 -15.87
C GLN A 551 1.49 -13.58 -16.55
N GLY A 552 1.26 -12.53 -15.78
CA GLY A 552 1.27 -11.20 -16.36
C GLY A 552 2.64 -10.97 -16.93
N VAL A 553 3.68 -11.51 -16.29
CA VAL A 553 5.10 -11.39 -16.72
C VAL A 553 5.35 -12.15 -18.02
N THR A 554 4.98 -13.43 -18.05
CA THR A 554 5.13 -14.21 -19.25
C THR A 554 4.10 -13.83 -20.35
N ASP A 555 3.13 -13.00 -20.00
CA ASP A 555 2.18 -12.56 -21.03
C ASP A 555 2.92 -11.62 -21.98
N ALA A 556 4.03 -11.08 -21.50
CA ALA A 556 4.79 -10.12 -22.27
C ALA A 556 6.02 -10.78 -22.85
N LEU A 557 6.72 -11.57 -22.03
CA LEU A 557 7.93 -12.23 -22.53
C LEU A 557 7.59 -13.01 -23.78
N PHE A 558 6.45 -13.69 -23.77
CA PHE A 558 6.06 -14.50 -24.90
C PHE A 558 5.27 -13.83 -26.01
N GLY A 559 5.16 -12.51 -25.97
CA GLY A 559 4.43 -11.80 -27.02
C GLY A 559 2.91 -11.79 -27.04
N ASP A 560 2.26 -12.40 -26.06
CA ASP A 560 0.81 -12.37 -26.00
C ASP A 560 0.36 -10.95 -25.91
N PHE A 561 1.20 -10.07 -25.42
CA PHE A 561 0.88 -8.66 -25.40
C PHE A 561 2.21 -8.07 -25.52
N GLY A 562 2.26 -6.79 -25.90
CA GLY A 562 3.53 -6.10 -26.07
C GLY A 562 3.87 -5.29 -24.85
N PHE A 563 5.12 -4.93 -24.65
CA PHE A 563 5.49 -4.15 -23.45
C PHE A 563 5.04 -2.72 -23.58
N THR A 564 4.43 -2.20 -22.53
CA THR A 564 3.94 -0.83 -22.53
C THR A 564 4.39 0.03 -21.33
N GLY A 565 4.79 -0.56 -20.21
CA GLY A 565 5.20 0.27 -19.07
C GLY A 565 6.38 1.26 -19.27
N ARG A 566 6.43 2.33 -18.49
CA ARG A 566 7.50 3.32 -18.63
C ARG A 566 7.95 3.71 -17.23
N LEU A 567 9.24 3.92 -17.05
CA LEU A 567 9.78 4.27 -15.76
C LEU A 567 8.91 5.35 -15.12
N PRO A 568 8.37 5.06 -13.90
CA PRO A 568 7.72 6.00 -12.98
C PRO A 568 8.75 6.69 -12.06
N ARG A 569 10.02 6.35 -12.28
CA ARG A 569 11.14 6.89 -11.53
C ARG A 569 12.37 6.99 -12.43
N THR A 570 13.33 7.80 -11.98
CA THR A 570 14.60 7.98 -12.65
C THR A 570 15.47 6.77 -12.33
N TRP A 571 16.18 6.20 -13.32
CA TRP A 571 17.10 5.09 -12.97
C TRP A 571 18.46 5.78 -12.90
N PHE A 572 19.08 5.70 -11.72
CA PHE A 572 20.35 6.35 -11.44
C PHE A 572 21.57 5.58 -11.91
N LYS A 573 22.65 6.31 -12.17
CA LYS A 573 23.89 5.68 -12.59
C LYS A 573 24.56 5.17 -11.35
N SER A 574 24.43 5.90 -10.24
CA SER A 574 24.99 5.46 -8.95
C SER A 574 24.34 6.12 -7.74
N VAL A 575 24.52 5.50 -6.59
CA VAL A 575 23.92 6.03 -5.37
C VAL A 575 24.52 7.33 -4.92
N ASP A 576 25.78 7.65 -5.28
CA ASP A 576 26.27 8.95 -4.87
C ASP A 576 25.61 9.96 -5.75
N GLN A 577 24.86 9.53 -6.75
CA GLN A 577 24.14 10.52 -7.52
C GLN A 577 22.88 11.02 -6.76
N LEU A 578 22.30 10.20 -5.89
CA LEU A 578 21.07 10.55 -5.16
C LEU A 578 21.05 11.66 -4.07
N PRO A 579 19.92 12.34 -3.92
CA PRO A 579 18.69 12.24 -4.70
C PRO A 579 18.96 12.84 -6.04
N MET A 580 18.17 12.51 -7.04
CA MET A 580 18.36 13.04 -8.38
C MET A 580 17.04 12.66 -9.05
N ASN A 581 16.13 13.62 -9.13
CA ASN A 581 14.81 13.38 -9.74
C ASN A 581 14.68 14.25 -10.94
N VAL A 582 13.72 13.96 -11.81
CA VAL A 582 13.53 14.79 -13.00
C VAL A 582 13.48 16.26 -12.57
N GLY A 583 13.95 17.14 -13.45
CA GLY A 583 13.95 18.55 -13.15
C GLY A 583 15.18 18.97 -12.39
N ASP A 584 15.98 18.05 -11.87
CA ASP A 584 17.19 18.43 -11.15
C ASP A 584 18.24 19.08 -12.03
N ALA A 585 19.28 19.61 -11.40
CA ALA A 585 20.41 20.23 -12.10
C ALA A 585 21.44 19.15 -12.54
N HIS A 586 21.92 18.33 -11.62
CA HIS A 586 22.88 17.27 -11.99
C HIS A 586 22.06 16.11 -12.57
N TYR A 587 21.05 16.37 -13.39
CA TYR A 587 20.30 15.24 -13.87
C TYR A 587 21.08 14.36 -14.84
N ASP A 588 21.51 13.21 -14.36
CA ASP A 588 22.33 12.34 -15.17
C ASP A 588 22.01 10.84 -15.02
N PRO A 589 20.79 10.46 -15.40
CA PRO A 589 20.24 9.14 -15.13
C PRO A 589 20.80 8.10 -16.08
N LEU A 590 20.59 6.83 -15.74
CA LEU A 590 21.01 5.72 -16.59
C LEU A 590 19.80 5.59 -17.46
N PHE A 591 18.63 5.84 -16.87
CA PHE A 591 17.37 5.82 -17.60
C PHE A 591 16.53 6.93 -16.98
N ARG A 592 16.09 7.83 -17.84
CA ARG A 592 15.26 8.93 -17.42
C ARG A 592 13.85 8.43 -17.08
N LEU A 593 13.14 9.20 -16.26
CA LEU A 593 11.77 8.84 -15.95
C LEU A 593 11.02 8.72 -17.29
N GLY A 594 10.08 7.80 -17.41
CA GLY A 594 9.36 7.74 -18.65
C GLY A 594 10.01 6.84 -19.67
N TYR A 595 11.20 6.33 -19.36
CA TYR A 595 11.87 5.42 -20.27
C TYR A 595 11.24 4.00 -20.32
N GLY A 596 11.26 3.35 -21.48
CA GLY A 596 10.74 1.99 -21.58
C GLY A 596 10.69 1.51 -23.01
N LEU A 597 11.34 0.43 -23.38
CA LEU A 597 11.24 -0.07 -24.75
C LEU A 597 9.86 -0.73 -25.03
N THR A 598 9.43 -0.81 -26.27
CA THR A 598 8.16 -1.46 -26.54
C THR A 598 8.39 -2.69 -27.42
N THR A 599 7.34 -3.43 -27.74
CA THR A 599 7.37 -4.62 -28.62
C THR A 599 5.92 -4.74 -29.03
N ASN A 600 5.62 -5.59 -30.00
CA ASN A 600 4.24 -5.78 -30.41
C ASN A 600 3.80 -7.23 -30.14
N ALA A 601 2.53 -7.43 -29.84
CA ALA A 601 2.06 -8.77 -29.58
C ALA A 601 2.27 -9.61 -30.82
N THR A 602 2.57 -10.90 -30.65
CA THR A 602 2.71 -11.80 -31.80
C THR A 602 1.30 -12.18 -32.28
C1 NAG B . 22.96 -3.29 1.03
C2 NAG B . 23.86 -4.42 1.46
C3 NAG B . 22.84 -5.59 2.06
C4 NAG B . 22.12 -5.10 3.26
C5 NAG B . 21.56 -3.73 3.04
C6 NAG B . 21.25 -3.11 4.38
C7 NAG B . 26.08 -4.51 0.38
C8 NAG B . 26.85 -4.90 -0.92
N2 NAG B . 24.77 -4.72 0.34
O3 NAG B . 23.58 -6.74 2.55
O4 NAG B . 21.08 -5.96 3.42
O5 NAG B . 22.52 -2.84 2.34
O6 NAG B . 19.84 -3.21 4.61
O7 NAG B . 26.68 -4.04 1.38
C1 NAG B . 20.80 -6.18 4.76
C2 NAG B . 19.62 -7.20 4.76
C3 NAG B . 19.24 -7.77 6.14
C4 NAG B . 20.57 -8.32 6.75
C5 NAG B . 21.75 -7.25 6.67
C6 NAG B . 23.00 -7.98 7.18
C7 NAG B . 17.71 -7.09 3.22
C8 NAG B . 16.39 -6.29 2.89
N2 NAG B . 18.36 -6.61 4.28
O3 NAG B . 18.21 -8.78 6.07
O4 NAG B . 20.34 -8.59 8.18
O5 NAG B . 21.98 -6.79 5.29
O6 NAG B . 24.05 -7.01 7.23
O7 NAG B . 18.10 -8.05 2.54
C1 BMA B . 20.66 -9.93 8.59
C2 BMA B . 20.97 -9.83 10.14
C3 BMA B . 21.07 -11.35 10.70
C4 BMA B . 19.83 -12.25 10.12
C5 BMA B . 19.87 -12.05 8.58
C6 BMA B . 18.99 -12.85 7.82
O2 BMA B . 20.04 -8.98 10.93
O3 BMA B . 21.07 -11.34 12.17
O4 BMA B . 19.81 -13.67 10.52
O5 BMA B . 19.53 -10.76 8.30
O6 BMA B . 19.16 -12.39 6.48
C1 MAN B . 17.99 -13.05 6.06
C2 MAN B . 18.19 -13.07 4.43
C3 MAN B . 17.76 -11.63 4.29
C4 MAN B . 16.30 -12.18 3.94
C5 MAN B . 16.29 -11.32 5.67
C6 MAN B . 14.86 -11.06 6.51
O2 MAN B . 17.33 -14.24 4.48
O3 MAN B . 18.57 -10.77 3.37
O4 MAN B . 16.65 -12.01 2.43
O5 MAN B . 16.79 -12.34 6.66
O6 MAN B . 14.06 -12.31 6.33
C1 NAG B . 17.52 -13.42 2.11
C2 NAG B . 17.11 -15.03 1.96
C3 NAG B . 18.14 -16.40 1.75
C4 NAG B . 19.30 -16.07 0.79
C5 NAG B . 20.07 -14.96 1.56
C6 NAG B . 21.21 -14.52 0.47
C7 NAG B . 15.18 -15.33 3.11
C8 NAG B . 14.32 -15.92 4.20
N2 NAG B . 16.44 -15.71 3.06
O3 NAG B . 17.60 -17.70 1.23
O4 NAG B . 20.18 -17.15 0.27
O5 NAG B . 19.11 -13.74 2.24
O6 NAG B . 20.80 -14.05 -0.81
O7 NAG B . 14.69 -14.56 2.29
C1 FUC B . 23.91 -7.78 1.53
C2 FUC B . 25.19 -8.55 1.98
C3 FUC B . 24.93 -9.34 3.29
C4 FUC B . 23.60 -10.22 3.08
C5 FUC B . 22.43 -9.36 2.54
C6 FUC B . 21.30 -10.27 2.04
O2 FUC B . 26.30 -7.62 2.22
O3 FUC B . 26.11 -10.15 3.61
O4 FUC B . 23.71 -11.37 2.16
O5 FUC B . 22.80 -8.66 1.37
C1 NAG C . 16.88 10.82 11.66
C2 NAG C . 16.41 11.41 12.94
C3 NAG C . 17.52 11.81 13.82
C4 NAG C . 18.38 10.61 14.16
C5 NAG C . 18.84 10.14 12.67
C6 NAG C . 19.29 8.68 12.77
C7 NAG C . 14.31 12.57 12.83
C8 NAG C . 13.48 13.82 12.66
N2 NAG C . 15.63 12.64 12.72
O3 NAG C . 17.12 12.43 15.06
O4 NAG C . 19.46 10.60 15.23
O5 NAG C . 17.83 9.89 11.70
O6 NAG C . 19.75 8.44 11.47
O7 NAG C . 13.75 11.51 13.06
C1 INS D . 1.77 2.76 10.85
C2 INS D . 0.61 1.82 10.89
C3 INS D . -0.50 1.82 9.78
C4 INS D . 0.16 1.69 8.43
C5 INS D . 1.31 2.59 8.16
C6 INS D . 2.33 2.42 9.35
O2 INS D . 1.43 0.69 10.98
O3 INS D . -1.40 0.64 9.87
O4 INS D . -0.81 2.19 7.55
O5 INS D . 1.74 2.34 6.74
O6 INS D . 3.39 3.31 9.12
#